data_8W0W
#
_entry.id   8W0W
#
_cell.length_a   68.680
_cell.length_b   88.231
_cell.length_c   174.709
_cell.angle_alpha   90.00
_cell.angle_beta   90.00
_cell.angle_gamma   90.00
#
_symmetry.space_group_name_H-M   'P 21 21 21'
#
loop_
_entity.id
_entity.type
_entity.pdbx_description
1 polymer 'Envelope glycoprotein E2'
2 polymer 'hcab64 Fab Heavy Chain'
3 polymer 'hcab64 Fab Light Chain'
4 branched alpha-D-mannopyranose-(1-3)-[alpha-D-mannopyranose-(1-6)]beta-D-mannopyranose-(1-4)-2-acetamido-2-deoxy-beta-D-glucopyranose-(1-4)-2-acetamido-2-deoxy-beta-D-glucopyranose
5 branched 2-acetamido-2-deoxy-beta-D-glucopyranose-(1-4)-2-acetamido-2-deoxy-beta-D-glucopyranose
6 non-polymer 2-acetamido-2-deoxy-beta-D-glucopyranose
7 water water
#
loop_
_entity_poly.entity_id
_entity_poly.type
_entity_poly.pdbx_seq_one_letter_code
_entity_poly.pdbx_strand_id
1 'polypeptide(L)'
;STHVTGGTASHTTRHFASLFSSGASQRVQLINTNGSWHINRTALNCNDSLHTGFLAALFYTHKFNASGCPERMAHCRPID
EFAQGWGPITYAEGHGSDQRPYCWHYAPRQCGTIPASQVCGPVYCFTPSPVVVGTTDRFGAPTYTWGENETDVLILNNTR
PPQGNWFGCTWMNSTGFTKTCGGPPCNIGGVGNNTLTCPTDCFRKHPEATYTKCGSGPWLTPRCLVDYPYRLWHYPCTVN
FTIFKVRMYVGGVEHRLNAACN
;
C
2 'polypeptide(L)'
;QVQLVQSGAEIQKPGASVKVSCRASGYTYISTSFHWVRQAPGQGLEWMGVIKTDDGSTSDTQKFQGRLRMTWDTSTSTVY
MELSSLRSDDTAVYYCVSPRLGHCRRGRCYETLDWGQGSLVTVSSASTKGPSVFPLAPSSKSTSGGTAALGCLVKDYFPE
PVTVSWNSGALTSGVHTFPAVLQSSGLYSLSSVVTVPSSSLGTQTYICNVNHKPSNTKVDKRVEPKSCDKTHHHHHH
;
H
3 'polypeptide(L)'
;EIVLTQSPGTLSLSPGERATLSCRASQSVSSSYLAWYQQKPGQAPRLLVYGASTRATGIPDRFSGSGSGTDFTLTISRLE
PEDFAVYYCHQYSSSFWTFGQGTKVEIKRTVAAPSVFIFPPSDEQLKSGTASVVCLLNNFYPREAKVQWKVDNALQSGNS
QESVTEQDSKDSTYSLSSTLTLSKADYEKHKVYACEVTHQGLSSPVTKSFNRGEC
;
L
#
loop_
_chem_comp.id
_chem_comp.type
_chem_comp.name
_chem_comp.formula
BMA D-saccharide, beta linking beta-D-mannopyranose 'C6 H12 O6'
MAN D-saccharide, alpha linking alpha-D-mannopyranose 'C6 H12 O6'
NAG D-saccharide, beta linking 2-acetamido-2-deoxy-beta-D-glucopyranose 'C8 H15 N O6'
#
# COMPACT_ATOMS: atom_id res chain seq x y z
N TRP A 37 14.09 19.84 -29.61
CA TRP A 37 15.07 18.98 -30.25
C TRP A 37 14.49 17.59 -30.59
N HIS A 38 15.31 16.72 -31.21
CA HIS A 38 14.81 15.41 -31.64
C HIS A 38 14.50 14.43 -30.49
N ILE A 39 14.93 14.68 -29.25
CA ILE A 39 14.50 13.78 -28.19
C ILE A 39 13.01 13.97 -27.91
N ASN A 40 12.47 15.16 -28.18
CA ASN A 40 11.05 15.48 -28.05
C ASN A 40 10.18 14.71 -29.03
N ARG A 41 10.75 14.00 -30.00
CA ARG A 41 9.99 13.18 -30.94
C ARG A 41 9.80 11.76 -30.45
N THR A 42 10.24 11.46 -29.22
CA THR A 42 10.01 10.16 -28.61
C THR A 42 8.63 10.13 -27.97
N ALA A 43 7.81 9.14 -28.32
CA ALA A 43 6.52 9.02 -27.65
C ALA A 43 6.75 8.55 -26.22
N LEU A 44 6.37 9.36 -25.26
CA LEU A 44 6.65 9.01 -23.87
C LEU A 44 5.36 8.87 -23.08
N ASN A 45 4.47 7.95 -23.50
CA ASN A 45 3.18 7.73 -22.85
C ASN A 45 3.29 6.44 -22.06
N CYS A 46 3.82 6.55 -20.86
CA CYS A 46 4.23 5.41 -20.06
C CYS A 46 3.39 5.39 -18.79
N ASN A 47 2.91 4.21 -18.41
CA ASN A 47 2.05 4.08 -17.22
C ASN A 47 2.28 2.68 -16.68
N ASP A 48 3.00 2.59 -15.55
CA ASP A 48 3.37 1.29 -14.98
C ASP A 48 2.22 0.82 -14.10
N SER A 49 1.08 0.58 -14.75
CA SER A 49 -0.12 0.22 -14.03
C SER A 49 -0.06 -1.20 -13.49
N LEU A 50 0.85 -2.04 -14.00
CA LEU A 50 0.97 -3.39 -13.47
C LEU A 50 2.01 -3.54 -12.36
N HIS A 51 2.67 -2.44 -11.96
CA HIS A 51 3.59 -2.42 -10.81
C HIS A 51 4.82 -3.31 -11.03
N THR A 52 5.44 -3.24 -12.21
CA THR A 52 6.61 -4.07 -12.51
C THR A 52 7.93 -3.36 -12.27
N GLY A 53 7.95 -2.03 -12.25
CA GLY A 53 9.18 -1.28 -12.18
C GLY A 53 9.84 -1.00 -13.50
N PHE A 54 9.18 -1.30 -14.63
CA PHE A 54 9.88 -1.37 -15.91
C PHE A 54 10.42 -0.02 -16.36
N LEU A 55 9.89 1.09 -15.84
CA LEU A 55 10.34 2.41 -16.28
C LEU A 55 11.71 2.77 -15.72
N ALA A 56 12.16 2.09 -14.66
CA ALA A 56 13.52 2.29 -14.17
C ALA A 56 14.56 2.12 -15.26
N ALA A 57 14.36 1.16 -16.16
CA ALA A 57 15.42 0.85 -17.11
C ALA A 57 15.62 1.95 -18.14
N LEU A 58 14.63 2.83 -18.34
CA LEU A 58 14.80 4.07 -19.11
C LEU A 58 15.79 5.05 -18.50
N PHE A 59 16.30 4.79 -17.31
CA PHE A 59 17.22 5.70 -16.65
C PHE A 59 18.32 4.89 -16.00
N TYR A 60 18.12 4.61 -14.72
CA TYR A 60 19.05 3.89 -13.84
C TYR A 60 19.00 2.38 -14.11
N THR A 61 19.24 2.02 -15.37
CA THR A 61 19.20 0.63 -15.79
C THR A 61 20.36 -0.17 -15.21
N HIS A 62 20.08 -1.46 -14.93
CA HIS A 62 20.98 -2.53 -14.50
C HIS A 62 20.36 -3.27 -13.32
N LYS A 63 19.03 -3.31 -13.27
CA LYS A 63 18.35 -3.88 -12.11
C LYS A 63 17.43 -5.04 -12.50
N PHE A 64 17.66 -5.68 -13.65
CA PHE A 64 16.67 -6.61 -14.20
C PHE A 64 16.62 -7.88 -13.37
N ASN A 65 15.39 -8.35 -13.10
CA ASN A 65 15.15 -9.59 -12.37
C ASN A 65 14.92 -10.67 -13.42
N ALA A 66 15.94 -11.48 -13.66
CA ALA A 66 15.92 -12.51 -14.67
C ALA A 66 15.43 -13.85 -14.15
N SER A 67 14.72 -13.87 -13.02
CA SER A 67 14.32 -15.16 -12.46
C SER A 67 13.28 -15.85 -13.32
N GLY A 68 12.32 -15.12 -13.86
CA GLY A 68 11.33 -15.74 -14.71
C GLY A 68 11.78 -16.05 -16.12
N CYS A 69 13.03 -15.74 -16.49
CA CYS A 69 13.42 -15.90 -17.90
C CYS A 69 13.42 -17.34 -18.38
N PRO A 70 13.88 -18.32 -17.59
CA PRO A 70 13.84 -19.73 -18.05
C PRO A 70 12.45 -20.22 -18.42
N GLU A 71 11.42 -19.84 -17.66
CA GLU A 71 10.06 -20.23 -18.03
C GLU A 71 9.65 -19.59 -19.36
N ARG A 72 9.93 -18.29 -19.51
CA ARG A 72 9.58 -17.60 -20.75
C ARG A 72 10.33 -18.18 -21.94
N MET A 73 11.62 -18.46 -21.76
CA MET A 73 12.45 -18.93 -22.87
C MET A 73 12.16 -20.39 -23.24
N ALA A 74 11.57 -21.17 -22.33
CA ALA A 74 11.25 -22.55 -22.66
C ALA A 74 10.15 -22.67 -23.71
N HIS A 75 9.41 -21.58 -23.94
CA HIS A 75 8.39 -21.56 -24.99
C HIS A 75 8.98 -21.32 -26.40
N CYS A 76 10.28 -21.09 -26.50
CA CYS A 76 10.93 -20.87 -27.78
C CYS A 76 11.60 -22.16 -28.21
N ARG A 77 11.32 -22.57 -29.43
CA ARG A 77 11.87 -23.83 -29.91
C ARG A 77 13.08 -23.59 -30.79
N PRO A 78 14.12 -24.41 -30.67
CA PRO A 78 15.23 -24.33 -31.62
C PRO A 78 14.77 -24.71 -33.02
N ILE A 79 15.45 -24.13 -34.03
CA ILE A 79 15.01 -24.30 -35.42
C ILE A 79 14.94 -25.77 -35.80
N ASP A 80 15.75 -26.63 -35.14
CA ASP A 80 15.80 -28.04 -35.49
C ASP A 80 14.50 -28.76 -35.21
N GLU A 81 13.63 -28.20 -34.40
CA GLU A 81 12.35 -28.82 -34.11
C GLU A 81 11.27 -28.48 -35.14
N PHE A 82 11.55 -27.62 -36.11
CA PHE A 82 10.58 -27.29 -37.13
C PHE A 82 10.75 -28.17 -38.37
N ALA A 83 9.67 -28.27 -39.12
CA ALA A 83 9.65 -29.13 -40.29
C ALA A 83 10.45 -28.49 -41.41
N GLN A 84 11.18 -29.33 -42.14
CA GLN A 84 11.84 -28.87 -43.36
C GLN A 84 10.79 -28.34 -44.35
N GLY A 85 11.15 -27.28 -45.07
CA GLY A 85 10.28 -26.72 -46.08
C GLY A 85 10.85 -26.96 -47.47
N TRP A 86 10.04 -26.60 -48.48
CA TRP A 86 10.46 -26.73 -49.88
C TRP A 86 9.38 -26.09 -50.74
N GLY A 87 9.72 -25.86 -52.01
CA GLY A 87 8.77 -25.28 -52.93
C GLY A 87 8.87 -23.78 -52.93
N PRO A 88 8.00 -23.08 -53.65
CA PRO A 88 8.13 -21.61 -53.73
C PRO A 88 7.73 -20.95 -52.42
N ILE A 89 8.46 -19.91 -52.05
CA ILE A 89 8.21 -19.21 -50.79
C ILE A 89 7.14 -18.16 -51.03
N THR A 90 6.13 -18.13 -50.18
CA THR A 90 5.14 -17.06 -50.21
C THR A 90 5.09 -16.40 -48.83
N TYR A 91 4.30 -15.34 -48.74
CA TYR A 91 4.28 -14.45 -47.58
C TYR A 91 3.02 -14.71 -46.77
N ALA A 92 3.20 -14.86 -45.47
CA ALA A 92 2.10 -15.08 -44.54
C ALA A 92 1.41 -13.77 -44.26
N ASP A 98 -1.07 -16.60 -30.54
CA ASP A 98 0.04 -16.04 -31.32
C ASP A 98 0.68 -14.82 -30.62
N GLN A 99 1.78 -15.06 -29.92
CA GLN A 99 2.57 -13.98 -29.31
C GLN A 99 3.93 -14.49 -28.87
N ARG A 100 4.51 -13.84 -27.86
CA ARG A 100 5.86 -14.02 -27.32
C ARG A 100 6.90 -13.47 -28.31
N PRO A 101 7.07 -12.15 -28.33
CA PRO A 101 8.04 -11.54 -29.25
C PRO A 101 9.50 -11.74 -28.84
N TYR A 102 9.78 -12.43 -27.73
CA TYR A 102 11.15 -12.76 -27.38
C TYR A 102 11.63 -14.06 -28.01
N CYS A 103 10.74 -14.83 -28.66
CA CYS A 103 11.17 -16.01 -29.40
C CYS A 103 11.55 -15.54 -30.79
N TRP A 104 12.67 -16.07 -31.28
CA TRP A 104 13.11 -15.70 -32.61
C TRP A 104 12.06 -16.01 -33.67
N HIS A 105 11.24 -17.04 -33.46
CA HIS A 105 10.31 -17.49 -34.48
C HIS A 105 8.94 -16.83 -34.34
N TYR A 106 8.83 -15.82 -33.48
CA TYR A 106 7.62 -15.02 -33.47
C TYR A 106 7.35 -14.47 -34.88
N ALA A 107 6.14 -14.74 -35.41
CA ALA A 107 5.79 -14.32 -36.75
C ALA A 107 5.02 -13.01 -36.67
N PRO A 108 5.62 -11.87 -36.96
CA PRO A 108 4.92 -10.59 -36.80
C PRO A 108 3.96 -10.33 -37.96
N ARG A 109 3.14 -9.30 -37.77
CA ARG A 109 2.37 -8.66 -38.82
C ARG A 109 3.20 -7.57 -39.46
N GLN A 110 2.91 -7.31 -40.74
CA GLN A 110 3.57 -6.20 -41.43
C GLN A 110 3.38 -4.89 -40.66
N CYS A 111 4.40 -4.04 -40.63
CA CYS A 111 4.29 -2.79 -39.88
C CYS A 111 3.26 -1.86 -40.50
N GLY A 112 2.53 -1.13 -39.66
CA GLY A 112 1.64 -0.07 -40.09
C GLY A 112 1.91 1.22 -39.32
N THR A 113 0.86 2.00 -39.15
CA THR A 113 0.91 3.27 -38.45
C THR A 113 0.26 3.10 -37.07
N ILE A 114 0.97 3.44 -36.01
CA ILE A 114 0.45 3.14 -34.68
C ILE A 114 0.24 4.45 -33.91
N PRO A 115 -0.84 4.58 -33.12
CA PRO A 115 -1.03 5.84 -32.38
C PRO A 115 0.08 6.02 -31.33
N ALA A 116 0.56 7.26 -31.20
CA ALA A 116 1.66 7.48 -30.25
C ALA A 116 1.21 7.27 -28.80
N SER A 117 -0.09 7.37 -28.51
CA SER A 117 -0.57 7.16 -27.15
C SER A 117 -0.29 5.76 -26.63
N GLN A 118 0.08 4.82 -27.49
CA GLN A 118 0.29 3.45 -27.07
C GLN A 118 1.78 3.09 -27.01
N VAL A 119 2.67 4.07 -27.17
CA VAL A 119 4.09 3.82 -27.23
C VAL A 119 4.78 4.48 -26.06
N CYS A 120 5.71 3.75 -25.45
CA CYS A 120 6.55 4.26 -24.36
C CYS A 120 8.01 4.08 -24.74
N GLY A 121 8.71 5.18 -24.99
CA GLY A 121 10.11 5.12 -25.33
C GLY A 121 10.37 5.06 -26.85
N PRO A 122 11.64 4.98 -27.23
CA PRO A 122 11.99 5.05 -28.66
C PRO A 122 11.58 3.80 -29.42
N VAL A 123 11.23 4.01 -30.68
CA VAL A 123 10.92 2.94 -31.62
C VAL A 123 12.17 2.69 -32.44
N TYR A 124 12.64 1.46 -32.47
CA TYR A 124 13.76 1.09 -33.31
C TYR A 124 13.27 0.26 -34.49
N CYS A 125 13.77 0.59 -35.68
CA CYS A 125 13.57 -0.25 -36.85
C CYS A 125 14.93 -0.72 -37.37
N PHE A 126 14.90 -1.80 -38.13
CA PHE A 126 16.11 -2.54 -38.47
C PHE A 126 16.22 -2.68 -39.98
N THR A 127 17.28 -2.08 -40.53
CA THR A 127 17.49 -2.02 -41.98
C THR A 127 18.41 -3.08 -42.61
N PRO A 128 19.11 -4.01 -41.90
CA PRO A 128 19.07 -4.39 -40.48
C PRO A 128 19.78 -3.41 -39.55
N SER A 129 20.51 -2.39 -40.01
CA SER A 129 21.11 -1.50 -39.04
C SER A 129 20.04 -0.76 -38.24
N PRO A 130 20.26 -0.54 -36.95
CA PRO A 130 19.18 0.02 -36.10
C PRO A 130 19.00 1.51 -36.33
N VAL A 131 17.75 1.94 -36.55
CA VAL A 131 17.45 3.35 -36.76
C VAL A 131 16.23 3.68 -35.91
N VAL A 132 16.15 4.93 -35.45
CA VAL A 132 15.09 5.41 -34.56
C VAL A 132 14.03 6.10 -35.41
N VAL A 133 12.78 5.70 -35.24
CA VAL A 133 11.63 6.39 -35.84
C VAL A 133 10.91 7.20 -34.77
N GLY A 134 10.67 8.47 -35.08
CA GLY A 134 10.03 9.37 -34.14
C GLY A 134 8.63 9.76 -34.59
N THR A 135 7.94 10.48 -33.68
CA THR A 135 6.55 10.86 -33.87
C THR A 135 6.39 11.82 -35.05
N THR A 136 5.31 11.63 -35.80
CA THR A 136 4.82 12.60 -36.78
C THR A 136 3.33 12.77 -36.59
N ASP A 137 2.76 13.70 -37.36
CA ASP A 137 1.32 13.75 -37.54
C ASP A 137 0.89 12.71 -38.57
N ARG A 138 -0.41 12.62 -38.82
CA ARG A 138 -0.91 11.57 -39.70
C ARG A 138 -0.44 11.77 -41.15
N PHE A 139 0.06 12.97 -41.48
CA PHE A 139 0.53 13.26 -42.84
C PHE A 139 2.04 13.11 -42.99
N GLY A 140 2.79 12.88 -41.90
CA GLY A 140 4.22 12.61 -41.97
C GLY A 140 5.12 13.75 -41.55
N ALA A 141 4.58 14.90 -41.14
CA ALA A 141 5.39 15.99 -40.61
C ALA A 141 5.89 15.63 -39.21
N PRO A 142 7.20 15.72 -38.94
CA PRO A 142 7.68 15.41 -37.58
C PRO A 142 7.03 16.34 -36.58
N THR A 143 6.71 15.78 -35.40
CA THR A 143 6.12 16.56 -34.31
C THR A 143 6.98 16.36 -33.07
N TYR A 144 6.95 17.35 -32.17
CA TYR A 144 7.95 17.49 -31.12
C TYR A 144 7.31 17.62 -29.73
N THR A 145 6.16 16.99 -29.53
CA THR A 145 5.40 17.08 -28.29
C THR A 145 5.36 15.77 -27.52
N TRP A 146 6.44 14.97 -27.59
CA TRP A 146 6.55 13.71 -26.83
C TRP A 146 5.38 12.76 -27.10
N GLY A 147 4.76 12.84 -28.26
CA GLY A 147 3.63 11.94 -28.53
C GLY A 147 2.40 12.16 -27.67
N GLU A 148 2.28 13.30 -27.00
CA GLU A 148 1.14 13.55 -26.14
C GLU A 148 -0.11 13.97 -26.92
N ASN A 149 0.06 14.48 -28.13
CA ASN A 149 -1.09 14.87 -28.94
C ASN A 149 -1.76 13.61 -29.48
N GLU A 150 -3.08 13.64 -29.53
CA GLU A 150 -3.80 12.46 -30.00
C GLU A 150 -3.70 12.27 -31.51
N THR A 151 -3.31 13.30 -32.25
CA THR A 151 -3.00 13.09 -33.65
C THR A 151 -1.61 12.51 -33.89
N ASP A 152 -0.74 12.40 -32.88
CA ASP A 152 0.62 11.94 -33.09
C ASP A 152 0.65 10.45 -33.36
N VAL A 153 1.53 10.02 -34.27
CA VAL A 153 1.60 8.63 -34.70
C VAL A 153 3.04 8.24 -34.97
N LEU A 154 3.24 6.94 -35.04
CA LEU A 154 4.50 6.36 -35.45
C LEU A 154 4.22 5.66 -36.76
N ILE A 155 4.67 6.25 -37.85
CA ILE A 155 4.47 5.68 -39.18
C ILE A 155 5.60 4.67 -39.39
N LEU A 156 5.29 3.39 -39.20
CA LEU A 156 6.31 2.36 -39.31
C LEU A 156 6.16 1.53 -40.60
N ASN A 157 5.17 1.83 -41.43
CA ASN A 157 4.89 1.11 -42.68
C ASN A 157 6.14 0.63 -43.36
N ASN A 158 6.33 -0.68 -43.49
CA ASN A 158 7.63 -1.17 -43.90
C ASN A 158 7.56 -1.85 -45.24
N THR A 159 8.62 -1.70 -46.03
CA THR A 159 8.88 -2.49 -47.21
C THR A 159 10.32 -2.97 -47.10
N ARG A 160 10.55 -4.27 -47.30
CA ARG A 160 11.88 -4.82 -47.15
C ARG A 160 12.90 -4.08 -48.01
N PRO A 161 14.04 -3.70 -47.48
CA PRO A 161 15.18 -3.31 -48.35
C PRO A 161 15.55 -4.43 -49.29
N PRO A 162 16.22 -4.13 -50.43
CA PRO A 162 16.69 -2.81 -50.90
C PRO A 162 15.64 -1.88 -51.47
N GLN A 163 14.45 -2.33 -51.84
CA GLN A 163 13.56 -1.31 -52.41
C GLN A 163 12.87 -0.46 -51.35
N GLY A 164 13.05 -0.74 -50.08
CA GLY A 164 12.17 -0.20 -49.05
C GLY A 164 12.95 0.46 -47.95
N ASN A 165 12.43 0.38 -46.72
CA ASN A 165 13.03 1.12 -45.62
C ASN A 165 13.59 0.23 -44.53
N TRP A 166 12.86 -0.78 -44.06
CA TRP A 166 13.40 -1.61 -42.99
C TRP A 166 12.66 -2.93 -42.94
N PHE A 167 13.29 -3.90 -42.29
CA PHE A 167 12.76 -5.25 -42.21
C PHE A 167 11.69 -5.36 -41.12
N GLY A 168 11.81 -4.59 -40.05
CA GLY A 168 10.83 -4.67 -38.97
C GLY A 168 11.17 -3.63 -37.92
N CYS A 169 10.28 -3.50 -36.92
CA CYS A 169 10.47 -2.54 -35.84
C CYS A 169 10.11 -3.14 -34.48
N THR A 170 10.68 -2.56 -33.44
CA THR A 170 10.43 -3.02 -32.08
C THR A 170 10.29 -1.80 -31.18
N TRP A 171 9.31 -1.85 -30.27
CA TRP A 171 9.07 -0.78 -29.31
C TRP A 171 8.38 -1.37 -28.08
N MET A 172 8.20 -0.51 -27.08
CA MET A 172 7.58 -0.85 -25.80
C MET A 172 6.23 -0.17 -25.72
N ASN A 173 5.18 -0.92 -25.35
CA ASN A 173 3.89 -0.25 -25.25
C ASN A 173 3.73 0.35 -23.84
N SER A 174 2.59 1.02 -23.60
CA SER A 174 2.46 1.94 -22.46
C SER A 174 2.62 1.22 -21.11
N THR A 175 2.23 -0.04 -21.03
CA THR A 175 2.25 -0.74 -19.76
C THR A 175 3.43 -1.70 -19.65
N GLY A 176 4.41 -1.57 -20.55
CA GLY A 176 5.66 -2.30 -20.43
C GLY A 176 5.74 -3.62 -21.17
N PHE A 177 4.96 -3.80 -22.23
CA PHE A 177 5.01 -5.02 -23.04
C PHE A 177 5.71 -4.74 -24.37
N THR A 178 6.67 -5.59 -24.73
CA THR A 178 7.40 -5.41 -25.97
C THR A 178 6.51 -5.74 -27.17
N LYS A 179 6.48 -4.85 -28.16
CA LYS A 179 5.71 -5.05 -29.37
C LYS A 179 6.67 -5.09 -30.54
N THR A 180 6.33 -5.87 -31.56
CA THR A 180 7.17 -5.88 -32.74
C THR A 180 6.30 -6.09 -33.97
N CYS A 181 6.79 -5.63 -35.12
CA CYS A 181 6.10 -5.73 -36.39
C CYS A 181 7.17 -5.79 -37.48
N GLY A 182 6.79 -6.28 -38.67
CA GLY A 182 7.75 -6.41 -39.75
C GLY A 182 7.41 -7.48 -40.78
N GLY A 183 8.32 -7.65 -41.73
CA GLY A 183 8.20 -8.66 -42.75
C GLY A 183 7.36 -8.18 -43.93
N PRO A 184 6.30 -8.93 -44.27
CA PRO A 184 5.72 -10.10 -43.59
C PRO A 184 6.60 -11.35 -43.67
N PRO A 185 6.47 -12.24 -42.71
CA PRO A 185 7.32 -13.45 -42.66
C PRO A 185 6.93 -14.45 -43.74
N CYS A 186 7.75 -15.49 -43.90
CA CYS A 186 7.66 -16.41 -45.03
C CYS A 186 7.00 -17.74 -44.68
N ASN A 187 6.15 -18.20 -45.59
CA ASN A 187 5.63 -19.56 -45.59
C ASN A 187 6.59 -20.38 -46.47
N ILE A 188 7.30 -21.32 -45.84
CA ILE A 188 8.32 -22.07 -46.56
C ILE A 188 7.84 -23.48 -46.90
N GLY A 189 6.56 -23.78 -46.73
CA GLY A 189 6.12 -25.14 -47.06
C GLY A 189 6.48 -26.11 -45.94
N GLY A 190 6.48 -27.39 -46.28
CA GLY A 190 6.62 -28.45 -45.31
C GLY A 190 5.28 -28.97 -44.79
N VAL A 191 5.32 -30.15 -44.15
CA VAL A 191 4.14 -30.82 -43.62
C VAL A 191 4.25 -31.02 -42.12
N GLY A 192 3.10 -31.09 -41.44
CA GLY A 192 3.01 -31.39 -40.02
C GLY A 192 2.58 -30.20 -39.19
N ASN A 193 2.52 -30.41 -37.87
CA ASN A 193 2.15 -29.33 -36.94
C ASN A 193 3.34 -28.48 -36.50
N ASN A 194 4.57 -28.88 -36.82
CA ASN A 194 5.77 -28.10 -36.50
C ASN A 194 6.26 -27.34 -37.72
N THR A 195 5.34 -26.75 -38.45
CA THR A 195 5.65 -26.04 -39.67
C THR A 195 6.09 -24.62 -39.32
N LEU A 196 7.09 -24.11 -40.03
CA LEU A 196 7.75 -22.86 -39.67
C LEU A 196 7.29 -21.73 -40.58
N THR A 197 6.72 -20.67 -39.97
CA THR A 197 6.59 -19.37 -40.61
C THR A 197 7.85 -18.60 -40.27
N CYS A 198 8.69 -18.34 -41.28
CA CYS A 198 10.06 -17.95 -41.04
C CYS A 198 10.19 -16.44 -40.99
N PRO A 199 10.69 -15.85 -39.89
CA PRO A 199 10.78 -14.39 -39.81
C PRO A 199 12.22 -13.91 -39.77
N THR A 200 13.14 -14.81 -40.11
CA THR A 200 14.56 -14.53 -40.00
C THR A 200 15.28 -15.37 -41.04
N ASP A 201 16.60 -15.49 -40.91
CA ASP A 201 17.37 -16.39 -41.77
C ASP A 201 17.13 -17.83 -41.30
N CYS A 202 16.43 -18.61 -42.12
CA CYS A 202 16.12 -20.02 -41.83
C CYS A 202 16.69 -20.96 -42.91
N PHE A 203 17.85 -20.60 -43.48
CA PHE A 203 18.52 -21.32 -44.57
C PHE A 203 18.48 -22.83 -44.36
N ARG A 204 18.63 -23.26 -43.11
CA ARG A 204 18.67 -24.69 -42.81
C ARG A 204 17.35 -25.38 -43.13
N LYS A 205 16.23 -24.65 -43.06
CA LYS A 205 14.93 -25.24 -43.33
C LYS A 205 14.44 -25.00 -44.75
N HIS A 206 14.92 -23.94 -45.40
CA HIS A 206 14.62 -23.71 -46.82
C HIS A 206 15.82 -22.94 -47.40
N PRO A 207 16.47 -23.46 -48.45
CA PRO A 207 17.67 -22.79 -49.01
C PRO A 207 17.46 -21.31 -49.34
N GLU A 208 16.26 -20.90 -49.74
CA GLU A 208 16.06 -19.51 -50.11
C GLU A 208 15.60 -18.63 -48.96
N ALA A 209 15.35 -19.18 -47.77
CA ALA A 209 14.81 -18.39 -46.68
C ALA A 209 15.97 -17.68 -45.97
N THR A 210 16.60 -16.76 -46.71
CA THR A 210 17.65 -15.92 -46.13
C THR A 210 17.02 -14.74 -45.41
N TYR A 211 17.86 -13.97 -44.69
CA TYR A 211 17.35 -12.79 -43.99
C TYR A 211 16.86 -11.74 -44.99
N THR A 212 17.54 -11.60 -46.14
CA THR A 212 17.09 -10.64 -47.14
C THR A 212 15.68 -11.00 -47.61
N LYS A 213 15.40 -12.30 -47.74
CA LYS A 213 14.06 -12.75 -48.15
C LYS A 213 13.05 -12.70 -47.00
N CYS A 214 13.44 -13.10 -45.79
CA CYS A 214 12.46 -13.40 -44.77
C CYS A 214 12.60 -12.56 -43.49
N GLY A 215 13.67 -11.79 -43.34
CA GLY A 215 13.85 -11.01 -42.13
C GLY A 215 12.66 -10.13 -41.84
N SER A 216 12.29 -10.03 -40.54
CA SER A 216 11.05 -9.39 -40.17
C SER A 216 11.20 -8.50 -38.94
N GLY A 217 12.44 -8.21 -38.56
CA GLY A 217 12.73 -7.52 -37.32
C GLY A 217 14.20 -7.71 -37.03
N PRO A 218 14.59 -7.56 -35.76
CA PRO A 218 16.01 -7.59 -35.38
C PRO A 218 16.63 -8.98 -35.31
N TRP A 219 15.85 -10.05 -35.38
CA TRP A 219 16.45 -11.39 -35.37
C TRP A 219 17.11 -11.64 -36.73
N LEU A 220 18.45 -11.61 -36.76
CA LEU A 220 19.24 -11.88 -37.95
C LEU A 220 19.25 -13.36 -38.28
N THR A 221 19.31 -14.21 -37.24
CA THR A 221 19.22 -15.66 -37.30
C THR A 221 18.44 -16.12 -36.07
N PRO A 222 18.07 -17.39 -35.95
CA PRO A 222 17.39 -17.83 -34.71
C PRO A 222 18.24 -17.64 -33.47
N ARG A 223 19.54 -17.35 -33.61
CA ARG A 223 20.42 -17.24 -32.46
C ARG A 223 20.96 -15.83 -32.22
N CYS A 224 20.72 -14.90 -33.14
CA CYS A 224 21.35 -13.58 -33.17
C CYS A 224 20.32 -12.48 -33.37
N LEU A 225 20.39 -11.44 -32.56
CA LEU A 225 19.58 -10.27 -32.84
C LEU A 225 20.46 -9.04 -32.84
N VAL A 226 20.06 -8.06 -33.64
CA VAL A 226 20.76 -6.79 -33.73
C VAL A 226 20.88 -6.18 -32.33
N ASP A 227 22.08 -5.69 -32.01
CA ASP A 227 22.33 -4.95 -30.79
C ASP A 227 22.07 -3.46 -31.02
N TYR A 228 21.47 -2.80 -30.03
CA TYR A 228 21.15 -1.38 -30.12
C TYR A 228 20.90 -0.89 -28.70
N PRO A 229 20.90 0.43 -28.47
CA PRO A 229 20.86 0.94 -27.08
C PRO A 229 19.69 0.44 -26.25
N TYR A 230 18.57 0.05 -26.85
CA TYR A 230 17.43 -0.39 -26.05
C TYR A 230 17.15 -1.87 -26.18
N ARG A 231 18.09 -2.64 -26.73
CA ARG A 231 17.89 -4.08 -26.82
C ARG A 231 17.61 -4.69 -25.45
N LEU A 232 18.33 -4.25 -24.42
CA LEU A 232 18.15 -4.90 -23.13
C LEU A 232 16.82 -4.54 -22.49
N TRP A 233 16.24 -3.39 -22.84
CA TRP A 233 14.92 -3.03 -22.36
C TRP A 233 13.83 -3.80 -23.10
N HIS A 234 13.93 -3.91 -24.42
CA HIS A 234 12.91 -4.60 -25.21
C HIS A 234 13.02 -6.11 -25.11
N TYR A 235 14.24 -6.62 -24.91
CA TYR A 235 14.51 -8.06 -24.93
C TYR A 235 15.35 -8.41 -23.70
N PRO A 236 14.78 -8.25 -22.49
CA PRO A 236 15.64 -8.30 -21.28
C PRO A 236 16.22 -9.68 -21.02
N CYS A 237 15.58 -10.73 -21.50
CA CYS A 237 16.12 -12.07 -21.30
C CYS A 237 17.30 -12.38 -22.23
N THR A 238 17.69 -11.46 -23.12
CA THR A 238 18.93 -11.64 -23.86
C THR A 238 20.14 -11.05 -23.12
N VAL A 239 20.03 -10.78 -21.82
CA VAL A 239 21.03 -9.98 -21.11
C VAL A 239 22.41 -10.61 -21.22
N ASN A 240 22.50 -11.93 -21.15
CA ASN A 240 23.79 -12.60 -21.21
C ASN A 240 24.22 -13.02 -22.63
N PHE A 241 23.54 -12.56 -23.68
CA PHE A 241 24.02 -12.84 -25.03
C PHE A 241 25.38 -12.19 -25.27
N THR A 242 26.22 -12.85 -26.05
CA THR A 242 27.54 -12.35 -26.42
C THR A 242 27.44 -11.43 -27.63
N ILE A 243 28.29 -10.41 -27.69
CA ILE A 243 28.19 -9.36 -28.71
C ILE A 243 29.30 -9.56 -29.74
N PHE A 244 28.91 -9.75 -31.00
CA PHE A 244 29.85 -10.00 -32.09
C PHE A 244 29.76 -8.88 -33.14
N LYS A 245 30.91 -8.44 -33.65
CA LYS A 245 30.90 -7.58 -34.82
C LYS A 245 30.58 -8.44 -36.04
N VAL A 246 29.54 -8.06 -36.80
CA VAL A 246 29.17 -8.83 -37.98
C VAL A 246 28.99 -7.89 -39.17
N ARG A 247 28.93 -8.49 -40.36
CA ARG A 247 28.64 -7.80 -41.60
C ARG A 247 27.52 -8.53 -42.31
N MET A 248 26.53 -7.77 -42.77
CA MET A 248 25.45 -8.29 -43.60
C MET A 248 25.39 -7.44 -44.88
N TYR A 249 25.10 -8.09 -46.01
CA TYR A 249 24.92 -7.41 -47.29
C TYR A 249 23.47 -7.53 -47.72
N VAL A 250 22.85 -6.39 -48.06
CA VAL A 250 21.46 -6.34 -48.49
C VAL A 250 21.44 -5.55 -49.78
N GLY A 251 21.03 -6.22 -50.86
CA GLY A 251 21.12 -5.59 -52.19
C GLY A 251 22.47 -5.01 -52.50
N GLY A 252 23.53 -5.63 -52.03
CA GLY A 252 24.86 -5.10 -52.30
C GLY A 252 25.29 -3.95 -51.42
N VAL A 253 24.47 -3.49 -50.47
CA VAL A 253 24.86 -2.52 -49.46
C VAL A 253 25.38 -3.26 -48.24
N GLU A 254 26.56 -2.88 -47.79
CA GLU A 254 27.21 -3.50 -46.66
C GLU A 254 26.74 -2.85 -45.36
N HIS A 255 26.34 -3.67 -44.40
CA HIS A 255 25.94 -3.23 -43.07
C HIS A 255 26.92 -3.80 -42.06
N ARG A 256 27.66 -2.93 -41.39
CA ARG A 256 28.50 -3.32 -40.26
C ARG A 256 27.71 -3.04 -38.99
N LEU A 257 27.39 -4.07 -38.24
CA LEU A 257 26.60 -3.91 -37.03
C LEU A 257 27.11 -4.88 -35.97
N ASN A 258 26.67 -4.65 -34.73
CA ASN A 258 26.93 -5.57 -33.63
C ASN A 258 25.74 -6.49 -33.50
N ALA A 259 25.99 -7.77 -33.35
CA ALA A 259 24.95 -8.75 -33.09
C ALA A 259 25.12 -9.36 -31.70
N ALA A 260 24.01 -9.58 -31.02
CA ALA A 260 23.97 -10.27 -29.72
C ALA A 260 23.47 -11.69 -29.95
N CYS A 261 24.32 -12.68 -29.66
CA CYS A 261 24.04 -14.07 -29.99
C CYS A 261 24.13 -14.95 -28.75
N ASN A 262 23.39 -16.06 -28.80
CA ASN A 262 23.29 -17.03 -27.71
C ASN A 262 23.77 -18.42 -28.11
N GLN B 1 4.16 -8.28 -9.91
CA GLN B 1 3.44 -7.16 -9.31
C GLN B 1 4.06 -6.80 -7.94
N VAL B 2 4.53 -5.56 -7.76
CA VAL B 2 5.38 -5.24 -6.61
C VAL B 2 4.64 -5.52 -5.30
N GLN B 3 5.29 -6.26 -4.41
CA GLN B 3 4.81 -6.45 -3.04
C GLN B 3 5.99 -6.42 -2.09
N LEU B 4 5.93 -5.54 -1.10
CA LEU B 4 6.97 -5.44 -0.07
C LEU B 4 6.50 -6.21 1.17
N VAL B 5 7.18 -7.30 1.50
CA VAL B 5 6.72 -8.27 2.48
C VAL B 5 7.56 -8.11 3.75
N GLN B 6 6.99 -7.53 4.79
CA GLN B 6 7.71 -7.33 6.04
C GLN B 6 7.54 -8.50 7.02
N SER B 7 8.50 -8.62 7.94
CA SER B 7 8.44 -9.60 9.01
C SER B 7 7.30 -9.29 9.99
N GLY B 8 6.97 -10.29 10.81
CA GLY B 8 5.81 -10.22 11.68
C GLY B 8 6.03 -9.42 12.96
N ALA B 9 4.97 -9.36 13.79
CA ALA B 9 4.99 -8.56 15.00
C ALA B 9 6.08 -9.03 15.97
N GLU B 10 6.62 -8.09 16.74
CA GLU B 10 7.68 -8.43 17.68
C GLU B 10 7.47 -7.70 19.02
N ILE B 11 7.83 -8.38 20.11
CA ILE B 11 7.79 -7.81 21.45
C ILE B 11 9.19 -7.91 22.05
N GLN B 12 9.69 -6.79 22.56
CA GLN B 12 11.05 -6.72 23.09
C GLN B 12 11.02 -5.92 24.38
N LYS B 13 11.98 -6.21 25.28
CA LYS B 13 12.16 -5.50 26.53
C LYS B 13 12.91 -4.19 26.28
N PRO B 14 12.74 -3.18 27.13
CA PRO B 14 13.55 -1.97 26.99
C PRO B 14 15.04 -2.29 27.06
N GLY B 15 15.83 -1.54 26.32
CA GLY B 15 17.26 -1.79 26.26
C GLY B 15 17.68 -2.83 25.25
N ALA B 16 16.76 -3.61 24.71
CA ALA B 16 17.10 -4.65 23.76
C ALA B 16 17.13 -4.07 22.34
N SER B 17 17.23 -4.96 21.35
CA SER B 17 17.25 -4.57 19.94
C SER B 17 16.25 -5.41 19.17
N VAL B 18 15.76 -4.84 18.08
CA VAL B 18 14.83 -5.49 17.18
C VAL B 18 15.34 -5.33 15.75
N LYS B 19 15.16 -6.36 14.92
CA LYS B 19 15.54 -6.31 13.52
C LYS B 19 14.32 -6.61 12.68
N VAL B 20 13.79 -5.60 11.98
CA VAL B 20 12.64 -5.72 11.09
C VAL B 20 13.16 -5.87 9.66
N SER B 21 12.52 -6.75 8.89
CA SER B 21 12.95 -7.04 7.53
C SER B 21 11.83 -6.73 6.55
N CYS B 22 12.20 -6.54 5.31
CA CYS B 22 11.24 -6.15 4.28
C CYS B 22 11.73 -6.75 2.98
N ARG B 23 11.03 -7.76 2.46
CA ARG B 23 11.52 -8.49 1.30
C ARG B 23 10.85 -7.97 0.05
N ALA B 24 11.65 -7.58 -0.93
CA ALA B 24 11.09 -7.15 -2.21
C ALA B 24 10.62 -8.36 -2.98
N SER B 25 9.44 -8.26 -3.59
CA SER B 25 8.97 -9.36 -4.42
C SER B 25 8.12 -8.81 -5.56
N GLY B 26 8.10 -9.54 -6.68
CA GLY B 26 7.28 -9.17 -7.81
C GLY B 26 7.85 -8.07 -8.69
N TYR B 27 9.08 -7.64 -8.47
CA TYR B 27 9.71 -6.63 -9.29
C TYR B 27 10.23 -7.28 -10.57
N THR B 28 10.10 -6.56 -11.68
CA THR B 28 10.88 -6.86 -12.89
C THR B 28 12.21 -6.11 -12.86
N TYR B 29 12.21 -4.88 -12.35
CA TYR B 29 13.42 -4.13 -12.06
C TYR B 29 13.32 -3.70 -10.60
N ILE B 30 14.32 -4.04 -9.81
CA ILE B 30 14.24 -3.86 -8.36
C ILE B 30 14.59 -2.42 -8.03
N SER B 31 13.80 -1.81 -7.17
CA SER B 31 14.05 -0.42 -6.78
C SER B 31 15.42 -0.29 -6.09
N THR B 32 15.95 0.92 -6.10
CA THR B 32 17.25 1.17 -5.49
C THR B 32 17.18 1.86 -4.12
N SER B 33 16.01 2.34 -3.70
CA SER B 33 15.87 3.04 -2.42
C SER B 33 14.81 2.37 -1.58
N PHE B 34 15.10 2.20 -0.28
CA PHE B 34 14.11 1.75 0.70
C PHE B 34 14.18 2.67 1.91
N HIS B 35 13.03 3.23 2.29
CA HIS B 35 12.91 4.10 3.45
C HIS B 35 12.17 3.35 4.56
N TRP B 36 12.42 3.76 5.79
CA TRP B 36 11.66 3.29 6.95
C TRP B 36 10.94 4.47 7.57
N VAL B 37 9.62 4.33 7.73
CA VAL B 37 8.81 5.30 8.46
C VAL B 37 7.99 4.56 9.53
N ARG B 38 7.78 5.21 10.66
CA ARG B 38 7.08 4.52 11.74
C ARG B 38 5.89 5.35 12.18
N GLN B 39 4.94 4.67 12.81
CA GLN B 39 3.73 5.31 13.34
C GLN B 39 3.47 4.73 14.73
N ALA B 40 3.59 5.56 15.76
CA ALA B 40 3.25 5.16 17.12
C ALA B 40 1.73 5.09 17.30
N PRO B 41 1.23 4.30 18.26
CA PRO B 41 -0.23 4.22 18.49
C PRO B 41 -0.92 5.57 18.52
N GLY B 42 -1.90 5.78 17.65
CA GLY B 42 -2.64 7.04 17.68
C GLY B 42 -1.88 8.27 17.21
N GLN B 43 -0.63 8.14 16.72
CA GLN B 43 0.14 9.30 16.28
C GLN B 43 0.18 9.35 14.75
N GLY B 44 0.90 10.36 14.24
CA GLY B 44 1.17 10.45 12.82
C GLY B 44 2.36 9.63 12.38
N LEU B 45 2.78 9.88 11.14
CA LEU B 45 3.85 9.14 10.48
C LEU B 45 5.18 9.90 10.56
N GLU B 46 6.27 9.17 10.82
CA GLU B 46 7.58 9.78 11.04
C GLU B 46 8.64 9.03 10.24
N TRP B 47 9.34 9.76 9.37
CA TRP B 47 10.43 9.19 8.61
C TRP B 47 11.64 8.92 9.50
N MET B 48 12.24 7.74 9.33
CA MET B 48 13.43 7.34 10.09
C MET B 48 14.73 7.43 9.28
N GLY B 49 14.78 6.79 8.12
CA GLY B 49 16.00 6.79 7.34
C GLY B 49 15.80 6.11 6.00
N VAL B 50 16.87 6.09 5.23
CA VAL B 50 16.86 5.56 3.87
C VAL B 50 18.15 4.82 3.62
N ILE B 51 18.07 3.70 2.90
CA ILE B 51 19.25 3.00 2.41
C ILE B 51 19.18 2.97 0.88
N LYS B 52 20.31 3.23 0.22
CA LYS B 52 20.47 3.05 -1.22
C LYS B 52 21.16 1.72 -1.46
N THR B 53 20.50 0.82 -2.19
CA THR B 53 21.03 -0.53 -2.35
C THR B 53 22.30 -0.55 -3.19
N ASP B 54 22.39 0.35 -4.16
CA ASP B 54 23.58 0.43 -5.00
C ASP B 54 24.84 0.65 -4.17
N ASP B 55 24.83 1.71 -3.36
CA ASP B 55 25.96 2.15 -2.55
C ASP B 55 26.06 1.42 -1.22
N GLY B 56 24.95 0.92 -0.68
CA GLY B 56 24.85 0.68 0.75
C GLY B 56 24.79 1.96 1.55
N SER B 57 24.96 3.11 0.90
CA SER B 57 24.76 4.41 1.51
C SER B 57 23.45 4.46 2.29
N THR B 58 23.53 4.96 3.53
CA THR B 58 22.38 5.14 4.39
C THR B 58 22.38 6.57 4.91
N SER B 59 21.20 7.19 4.91
CA SER B 59 20.99 8.47 5.57
C SER B 59 19.87 8.30 6.57
N ASP B 60 20.07 8.82 7.79
CA ASP B 60 19.08 8.71 8.85
C ASP B 60 18.81 10.10 9.43
N THR B 61 17.83 10.15 10.31
CA THR B 61 17.64 11.36 11.08
C THR B 61 18.47 11.30 12.37
N GLN B 62 18.80 12.49 12.88
CA GLN B 62 19.67 12.52 14.07
C GLN B 62 18.95 12.16 15.35
N LYS B 63 17.61 12.05 15.32
CA LYS B 63 16.85 11.51 16.45
C LYS B 63 17.19 10.06 16.75
N PHE B 64 17.65 9.29 15.75
CA PHE B 64 17.96 7.89 15.95
C PHE B 64 19.45 7.59 15.81
N GLN B 65 20.31 8.61 15.92
CA GLN B 65 21.73 8.39 15.74
C GLN B 65 22.27 7.41 16.77
N GLY B 66 23.08 6.47 16.29
CA GLY B 66 23.68 5.46 17.14
C GLY B 66 22.85 4.21 17.31
N ARG B 67 21.52 4.33 17.23
CA ARG B 67 20.62 3.20 17.48
C ARG B 67 20.08 2.56 16.22
N LEU B 68 20.02 3.27 15.10
CA LEU B 68 19.41 2.75 13.88
C LEU B 68 20.47 2.24 12.92
N ARG B 69 20.28 1.04 12.39
CA ARG B 69 21.21 0.46 11.44
C ARG B 69 20.42 -0.19 10.31
N MET B 70 20.65 0.27 9.08
CA MET B 70 19.93 -0.23 7.92
C MET B 70 20.90 -0.98 7.02
N THR B 71 20.50 -2.18 6.58
CA THR B 71 21.33 -2.99 5.73
C THR B 71 20.48 -3.61 4.63
N TRP B 72 21.18 -4.06 3.59
CA TRP B 72 20.61 -4.62 2.38
C TRP B 72 21.30 -5.93 2.07
N ASP B 73 20.51 -6.97 1.85
CA ASP B 73 21.00 -8.30 1.48
C ASP B 73 20.64 -8.53 0.02
N THR B 74 21.63 -8.45 -0.85
CA THR B 74 21.34 -8.40 -2.27
C THR B 74 20.89 -9.76 -2.79
N SER B 75 21.33 -10.85 -2.16
CA SER B 75 20.96 -12.18 -2.65
C SER B 75 19.49 -12.50 -2.39
N THR B 76 18.88 -11.98 -1.31
CA THR B 76 17.47 -12.22 -1.04
C THR B 76 16.60 -10.98 -1.27
N SER B 77 17.17 -9.90 -1.82
CA SER B 77 16.45 -8.67 -2.02
C SER B 77 15.65 -8.29 -0.77
N THR B 78 16.33 -8.29 0.39
CA THR B 78 15.72 -7.99 1.68
C THR B 78 16.46 -6.85 2.36
N VAL B 79 15.72 -5.81 2.74
CA VAL B 79 16.28 -4.71 3.52
C VAL B 79 15.93 -4.93 4.99
N TYR B 80 16.89 -4.62 5.87
CA TYR B 80 16.73 -4.80 7.31
C TYR B 80 16.88 -3.46 8.01
N MET B 81 16.03 -3.26 9.00
CA MET B 81 16.10 -2.12 9.89
C MET B 81 16.36 -2.65 11.30
N GLU B 82 17.45 -2.22 11.90
CA GLU B 82 17.81 -2.66 13.25
C GLU B 82 17.81 -1.45 14.17
N LEU B 83 16.95 -1.48 15.19
CA LEU B 83 16.86 -0.39 16.16
C LEU B 83 17.27 -0.94 17.52
N SER B 84 18.35 -0.37 18.08
CA SER B 84 19.00 -0.77 19.30
C SER B 84 18.58 0.10 20.48
N SER B 85 18.90 -0.37 21.68
CA SER B 85 18.62 0.37 22.91
C SER B 85 17.18 0.87 22.94
N LEU B 86 16.26 -0.08 22.76
CA LEU B 86 14.84 0.23 22.65
C LEU B 86 14.29 0.89 23.92
N ARG B 87 13.45 1.89 23.71
CA ARG B 87 12.69 2.54 24.76
C ARG B 87 11.20 2.31 24.48
N SER B 88 10.39 2.37 25.54
CA SER B 88 8.96 2.06 25.40
C SER B 88 8.31 2.90 24.32
N ASP B 89 8.74 4.15 24.18
CA ASP B 89 8.13 4.96 23.13
C ASP B 89 8.62 4.62 21.73
N ASP B 90 9.50 3.61 21.55
CA ASP B 90 9.75 3.00 20.25
C ASP B 90 8.64 2.03 19.82
N THR B 91 7.64 1.80 20.65
CA THR B 91 6.49 0.99 20.26
C THR B 91 5.80 1.67 19.09
N ALA B 92 5.68 0.96 17.97
CA ALA B 92 5.12 1.57 16.77
C ALA B 92 4.99 0.50 15.70
N VAL B 93 4.23 0.84 14.66
CA VAL B 93 4.29 0.07 13.42
C VAL B 93 5.37 0.69 12.54
N TYR B 94 6.26 -0.16 12.03
CA TYR B 94 7.40 0.26 11.22
C TYR B 94 7.13 -0.17 9.77
N TYR B 95 7.22 0.78 8.84
CA TYR B 95 6.91 0.55 7.43
C TYR B 95 8.16 0.71 6.58
N CYS B 96 8.38 -0.23 5.67
CA CYS B 96 9.33 0.00 4.59
C CYS B 96 8.58 0.58 3.40
N VAL B 97 9.23 1.55 2.73
CA VAL B 97 8.63 2.29 1.63
C VAL B 97 9.66 2.40 0.52
N SER B 98 9.24 2.14 -0.71
CA SER B 98 10.18 2.16 -1.82
C SER B 98 9.62 2.91 -3.02
N PRO B 99 10.22 4.02 -3.41
CA PRO B 99 9.75 4.75 -4.59
C PRO B 99 9.98 3.96 -5.87
N ARG B 100 9.18 4.29 -6.88
CA ARG B 100 9.16 3.57 -8.14
C ARG B 100 8.51 4.50 -9.16
N LEU B 101 9.02 4.52 -10.39
CA LEU B 101 8.45 5.39 -11.40
C LEU B 101 7.06 4.89 -11.79
N GLY B 102 6.06 5.78 -11.69
CA GLY B 102 4.70 5.39 -11.99
C GLY B 102 4.23 5.74 -13.39
N HIS B 103 4.64 6.90 -13.89
CA HIS B 103 4.22 7.33 -15.22
C HIS B 103 5.20 8.40 -15.69
N CYS B 104 5.10 8.68 -16.99
CA CYS B 104 5.86 9.73 -17.67
C CYS B 104 4.89 10.54 -18.52
N ARG B 105 5.23 11.80 -18.72
CA ARG B 105 4.40 12.73 -19.47
C ARG B 105 5.26 13.94 -19.80
N ARG B 106 5.36 14.29 -21.08
CA ARG B 106 6.11 15.47 -21.51
C ARG B 106 7.57 15.41 -21.06
N GLY B 107 8.23 14.29 -21.35
CA GLY B 107 9.67 14.20 -21.15
C GLY B 107 10.14 14.01 -19.73
N ARG B 108 9.23 13.99 -18.75
CA ARG B 108 9.64 13.82 -17.36
C ARG B 108 8.81 12.74 -16.70
N CYS B 109 9.45 11.92 -15.87
CA CYS B 109 8.80 10.82 -15.19
C CYS B 109 8.66 11.10 -13.69
N TYR B 110 7.61 10.53 -13.08
CA TYR B 110 7.20 10.86 -11.71
C TYR B 110 7.12 9.60 -10.85
N GLU B 111 7.72 9.68 -9.66
CA GLU B 111 7.77 8.56 -8.72
C GLU B 111 6.47 8.43 -7.94
N THR B 112 6.01 7.19 -7.79
CA THR B 112 5.03 6.81 -6.79
C THR B 112 5.74 6.03 -5.68
N LEU B 113 4.97 5.44 -4.78
CA LEU B 113 5.54 4.83 -3.58
C LEU B 113 4.87 3.49 -3.33
N ASP B 114 5.67 2.45 -3.21
CA ASP B 114 5.18 1.15 -2.77
C ASP B 114 5.41 1.01 -1.26
N TRP B 115 4.37 0.61 -0.52
CA TRP B 115 4.44 0.47 0.94
C TRP B 115 4.34 -0.98 1.37
N GLY B 116 5.22 -1.40 2.28
CA GLY B 116 5.04 -2.66 2.96
C GLY B 116 3.82 -2.64 3.86
N GLN B 117 3.45 -3.83 4.36
CA GLN B 117 2.22 -3.88 5.16
C GLN B 117 2.44 -3.47 6.63
N GLY B 118 3.67 -3.18 7.05
CA GLY B 118 3.97 -2.73 8.41
C GLY B 118 4.32 -3.87 9.33
N SER B 119 5.21 -3.58 10.30
CA SER B 119 5.58 -4.52 11.35
C SER B 119 5.39 -3.85 12.71
N LEU B 120 4.58 -4.47 13.58
CA LEU B 120 4.35 -3.92 14.92
C LEU B 120 5.49 -4.36 15.84
N VAL B 121 6.18 -3.38 16.42
CA VAL B 121 7.17 -3.62 17.46
C VAL B 121 6.62 -3.04 18.76
N THR B 122 6.50 -3.87 19.79
CA THR B 122 6.01 -3.45 21.08
C THR B 122 7.16 -3.58 22.06
N VAL B 123 7.47 -2.50 22.78
CA VAL B 123 8.58 -2.51 23.73
C VAL B 123 8.02 -2.40 25.14
N SER B 124 8.28 -3.43 25.95
CA SER B 124 7.68 -3.49 27.28
C SER B 124 8.50 -4.43 28.15
N SER B 125 8.52 -4.13 29.46
CA SER B 125 9.10 -5.00 30.47
C SER B 125 8.13 -6.08 30.95
N ALA B 126 6.87 -6.01 30.56
CA ALA B 126 5.89 -6.96 31.09
C ALA B 126 6.16 -8.38 30.58
N SER B 127 5.68 -9.35 31.33
CA SER B 127 5.66 -10.74 30.93
C SER B 127 4.24 -11.11 30.52
N THR B 128 4.14 -12.13 29.66
CA THR B 128 2.84 -12.67 29.27
C THR B 128 2.00 -12.96 30.52
N LYS B 129 0.74 -12.55 30.49
CA LYS B 129 -0.15 -12.75 31.61
C LYS B 129 -1.58 -12.74 31.09
N GLY B 130 -2.36 -13.80 31.40
CA GLY B 130 -3.76 -13.81 31.07
C GLY B 130 -4.56 -12.85 31.93
N PRO B 131 -5.76 -12.47 31.48
CA PRO B 131 -6.55 -11.48 32.21
C PRO B 131 -7.38 -12.09 33.33
N SER B 132 -7.74 -11.23 34.29
CA SER B 132 -8.86 -11.48 35.18
C SER B 132 -10.12 -10.87 34.60
N VAL B 133 -11.22 -11.60 34.65
CA VAL B 133 -12.45 -11.13 34.07
C VAL B 133 -13.48 -10.93 35.16
N PHE B 134 -14.04 -9.73 35.22
CA PHE B 134 -14.96 -9.40 36.30
C PHE B 134 -16.29 -8.94 35.69
N PRO B 135 -17.42 -9.27 36.29
CA PRO B 135 -18.70 -8.83 35.73
C PRO B 135 -18.93 -7.36 35.98
N LEU B 136 -19.63 -6.72 35.05
CA LEU B 136 -20.21 -5.38 35.18
C LEU B 136 -21.71 -5.64 35.26
N ALA B 137 -22.19 -5.86 36.48
CA ALA B 137 -23.54 -6.37 36.71
C ALA B 137 -24.60 -5.33 36.33
N PRO B 138 -25.68 -5.74 35.66
CA PRO B 138 -26.77 -4.79 35.39
C PRO B 138 -27.34 -4.24 36.69
N SER B 139 -27.62 -2.94 36.69
CA SER B 139 -27.99 -2.18 37.86
C SER B 139 -29.31 -2.64 38.48
N THR B 143 -34.53 -0.78 35.61
CA THR B 143 -35.75 -0.21 35.03
C THR B 143 -36.87 -1.27 35.04
N SER B 144 -37.77 -1.22 34.04
CA SER B 144 -38.77 -2.27 33.87
C SER B 144 -39.13 -2.41 32.39
N GLY B 145 -39.49 -1.28 31.74
CA GLY B 145 -39.64 -1.20 30.30
C GLY B 145 -38.54 -0.36 29.66
N GLY B 146 -37.35 -0.33 30.29
CA GLY B 146 -36.23 0.40 29.81
C GLY B 146 -35.13 -0.48 29.25
N THR B 147 -33.98 0.13 29.05
CA THR B 147 -32.83 -0.59 28.54
C THR B 147 -31.79 -0.65 29.65
N ALA B 148 -31.16 -1.80 29.80
CA ALA B 148 -30.10 -1.99 30.77
C ALA B 148 -28.79 -2.20 30.05
N ALA B 149 -27.70 -1.90 30.75
CA ALA B 149 -26.35 -2.17 30.27
C ALA B 149 -25.69 -3.17 31.20
N LEU B 150 -24.89 -4.05 30.65
CA LEU B 150 -24.17 -5.03 31.44
C LEU B 150 -22.90 -5.31 30.65
N GLY B 151 -21.89 -5.83 31.32
CA GLY B 151 -20.65 -6.02 30.61
C GLY B 151 -19.62 -6.80 31.37
N CYS B 152 -18.38 -6.73 30.87
CA CYS B 152 -17.24 -7.49 31.36
C CYS B 152 -16.01 -6.61 31.38
N LEU B 153 -15.31 -6.63 32.51
CA LEU B 153 -14.07 -5.91 32.69
C LEU B 153 -12.92 -6.92 32.58
N VAL B 154 -12.11 -6.76 31.56
CA VAL B 154 -11.03 -7.69 31.23
C VAL B 154 -9.74 -6.96 31.64
N LYS B 155 -9.13 -7.40 32.73
CA LYS B 155 -8.17 -6.57 33.43
C LYS B 155 -6.81 -7.25 33.52
N ASP B 156 -5.74 -6.45 33.39
CA ASP B 156 -4.40 -6.88 33.78
C ASP B 156 -3.89 -8.03 32.92
N TYR B 157 -3.87 -7.83 31.61
CA TYR B 157 -3.30 -8.83 30.73
C TYR B 157 -2.17 -8.23 29.89
N PHE B 158 -1.36 -9.12 29.32
CA PHE B 158 -0.30 -8.69 28.42
C PHE B 158 0.09 -9.91 27.60
N PRO B 159 0.32 -9.77 26.29
CA PRO B 159 0.21 -8.57 25.44
C PRO B 159 -1.16 -8.42 24.78
N GLU B 160 -1.39 -7.34 24.03
CA GLU B 160 -2.56 -7.30 23.16
C GLU B 160 -2.45 -8.42 22.12
N PRO B 161 -3.58 -8.93 21.63
CA PRO B 161 -4.97 -8.58 21.93
C PRO B 161 -5.71 -9.65 22.72
N VAL B 162 -6.91 -9.31 23.20
CA VAL B 162 -7.91 -10.26 23.68
C VAL B 162 -9.08 -10.14 22.73
N THR B 163 -9.82 -11.22 22.54
CA THR B 163 -11.09 -11.13 21.83
C THR B 163 -12.23 -11.40 22.81
N VAL B 164 -13.30 -10.62 22.65
CA VAL B 164 -14.50 -10.73 23.47
C VAL B 164 -15.69 -10.95 22.55
N SER B 165 -16.45 -12.00 22.81
CA SER B 165 -17.76 -12.17 22.21
C SER B 165 -18.77 -12.40 23.32
N TRP B 166 -20.06 -12.31 22.97
CA TRP B 166 -21.15 -12.49 23.92
C TRP B 166 -22.04 -13.65 23.50
N ASN B 167 -22.38 -14.51 24.44
CA ASN B 167 -23.26 -15.64 24.17
C ASN B 167 -22.77 -16.42 22.95
N SER B 168 -21.44 -16.67 22.94
CA SER B 168 -20.76 -17.43 21.88
C SER B 168 -21.00 -16.87 20.48
N GLY B 169 -21.09 -15.55 20.36
CA GLY B 169 -21.34 -14.93 19.08
C GLY B 169 -22.80 -14.74 18.70
N ALA B 170 -23.75 -15.24 19.47
CA ALA B 170 -25.17 -15.04 19.13
C ALA B 170 -25.65 -13.64 19.46
N LEU B 171 -24.90 -12.88 20.25
CA LEU B 171 -25.27 -11.52 20.63
C LEU B 171 -24.16 -10.61 20.14
N THR B 172 -24.45 -9.80 19.12
CA THR B 172 -23.52 -8.87 18.50
C THR B 172 -24.05 -7.45 18.46
N SER B 173 -25.35 -7.27 18.26
CA SER B 173 -25.91 -5.93 18.19
C SER B 173 -25.91 -5.23 19.56
N GLY B 174 -25.53 -3.95 19.56
CA GLY B 174 -25.40 -3.19 20.78
C GLY B 174 -24.19 -3.52 21.64
N VAL B 175 -23.30 -4.42 21.19
CA VAL B 175 -22.07 -4.73 21.92
C VAL B 175 -21.05 -3.66 21.60
N HIS B 176 -20.37 -3.14 22.63
CA HIS B 176 -19.23 -2.25 22.44
C HIS B 176 -18.05 -2.82 23.18
N THR B 177 -17.01 -3.20 22.45
CA THR B 177 -15.78 -3.66 23.08
C THR B 177 -14.76 -2.56 22.89
N PHE B 178 -14.35 -1.90 23.99
CA PHE B 178 -13.55 -0.68 23.88
C PHE B 178 -12.08 -1.00 23.64
N PRO B 179 -11.36 -0.10 22.97
CA PRO B 179 -9.90 -0.26 22.89
C PRO B 179 -9.35 -0.41 24.28
N ALA B 180 -8.33 -1.25 24.42
CA ALA B 180 -7.67 -1.43 25.68
C ALA B 180 -6.92 -0.16 26.05
N VAL B 181 -6.68 0.03 27.33
CA VAL B 181 -5.79 1.09 27.81
C VAL B 181 -4.62 0.40 28.48
N LEU B 182 -3.45 0.96 28.33
CA LEU B 182 -2.27 0.48 29.00
C LEU B 182 -2.18 1.22 30.34
N GLN B 183 -2.11 0.46 31.45
CA GLN B 183 -2.02 1.02 32.79
C GLN B 183 -0.56 1.20 33.21
N SER B 184 -0.36 2.03 34.24
CA SER B 184 1.00 2.29 34.71
C SER B 184 1.70 1.01 35.16
N SER B 185 0.97 -0.07 35.39
CA SER B 185 1.63 -1.34 35.70
C SER B 185 2.30 -1.98 34.47
N GLY B 186 2.04 -1.50 33.25
CA GLY B 186 2.51 -2.17 32.07
C GLY B 186 1.54 -3.17 31.49
N LEU B 187 0.42 -3.40 32.17
CA LEU B 187 -0.58 -4.37 31.74
C LEU B 187 -1.78 -3.63 31.16
N TYR B 188 -2.48 -4.30 30.26
CA TYR B 188 -3.63 -3.71 29.60
C TYR B 188 -4.90 -4.04 30.33
N SER B 189 -5.94 -3.27 30.01
CA SER B 189 -7.24 -3.43 30.60
C SER B 189 -8.26 -2.94 29.58
N LEU B 190 -9.38 -3.64 29.49
CA LEU B 190 -10.41 -3.35 28.51
C LEU B 190 -11.76 -3.67 29.12
N SER B 191 -12.81 -2.99 28.66
CA SER B 191 -14.16 -3.43 28.98
C SER B 191 -14.98 -3.68 27.72
N SER B 192 -15.98 -4.54 27.87
CA SER B 192 -16.92 -4.88 26.81
C SER B 192 -18.30 -4.78 27.42
N VAL B 193 -19.19 -4.03 26.79
CA VAL B 193 -20.52 -3.83 27.33
C VAL B 193 -21.56 -4.15 26.27
N VAL B 194 -22.78 -4.43 26.73
CA VAL B 194 -23.91 -4.65 25.83
C VAL B 194 -25.16 -4.05 26.49
N THR B 195 -26.03 -3.44 25.69
CA THR B 195 -27.32 -2.98 26.15
C THR B 195 -28.41 -3.96 25.73
N VAL B 196 -29.32 -4.23 26.65
CA VAL B 196 -30.33 -5.26 26.54
C VAL B 196 -31.62 -4.76 27.17
N PRO B 197 -32.75 -5.36 26.79
CA PRO B 197 -34.01 -4.98 27.45
C PRO B 197 -33.95 -5.36 28.92
N SER B 198 -34.35 -4.42 29.78
CA SER B 198 -34.42 -4.63 31.23
C SER B 198 -35.27 -5.83 31.59
N SER B 199 -36.40 -6.00 30.89
CA SER B 199 -37.26 -7.13 31.18
C SER B 199 -36.62 -8.47 30.85
N SER B 200 -35.41 -8.50 30.29
CA SER B 200 -34.70 -9.77 30.09
C SER B 200 -33.80 -10.15 31.26
N LEU B 201 -33.58 -9.24 32.22
CA LEU B 201 -32.66 -9.52 33.33
C LEU B 201 -33.24 -10.61 34.21
N GLY B 202 -32.45 -11.64 34.52
CA GLY B 202 -33.01 -12.74 35.27
C GLY B 202 -33.76 -13.78 34.46
N THR B 203 -33.85 -13.60 33.13
CA THR B 203 -34.48 -14.59 32.26
C THR B 203 -33.54 -15.03 31.15
N GLN B 204 -32.93 -14.07 30.47
CA GLN B 204 -31.91 -14.30 29.47
C GLN B 204 -30.55 -14.45 30.14
N THR B 205 -29.85 -15.54 29.82
CA THR B 205 -28.47 -15.74 30.24
C THR B 205 -27.55 -14.89 29.36
N TYR B 206 -26.63 -14.16 30.00
CA TYR B 206 -25.57 -13.39 29.33
C TYR B 206 -24.20 -13.91 29.76
N ILE B 207 -23.38 -14.31 28.79
CA ILE B 207 -22.05 -14.84 29.03
C ILE B 207 -21.07 -14.13 28.12
N CYS B 208 -20.01 -13.58 28.69
CA CYS B 208 -18.96 -12.99 27.87
C CYS B 208 -17.80 -13.97 27.73
N ASN B 209 -17.44 -14.26 26.47
CA ASN B 209 -16.39 -15.21 26.14
C ASN B 209 -15.14 -14.41 25.84
N VAL B 210 -14.17 -14.54 26.72
CA VAL B 210 -12.92 -13.82 26.59
C VAL B 210 -11.86 -14.82 26.19
N ASN B 211 -11.06 -14.48 25.20
CA ASN B 211 -9.97 -15.33 24.73
C ASN B 211 -8.68 -14.49 24.70
N HIS B 212 -7.63 -15.01 25.31
CA HIS B 212 -6.32 -14.35 25.26
C HIS B 212 -5.33 -15.41 24.80
N LYS B 213 -5.14 -15.51 23.48
CA LYS B 213 -4.32 -16.60 22.93
C LYS B 213 -2.86 -16.60 23.40
N PRO B 214 -2.17 -15.47 23.56
CA PRO B 214 -0.76 -15.55 24.00
C PRO B 214 -0.55 -16.23 25.35
N SER B 215 -1.53 -16.24 26.25
CA SER B 215 -1.41 -17.00 27.50
C SER B 215 -2.27 -18.25 27.52
N ASN B 216 -2.94 -18.57 26.40
CA ASN B 216 -3.89 -19.69 26.34
C ASN B 216 -5.01 -19.59 27.39
N THR B 217 -5.51 -18.39 27.64
CA THR B 217 -6.57 -18.16 28.62
C THR B 217 -7.90 -18.00 27.90
N LYS B 218 -8.85 -18.92 28.19
CA LYS B 218 -10.25 -18.72 27.84
C LYS B 218 -11.09 -18.66 29.11
N VAL B 219 -12.04 -17.73 29.14
CA VAL B 219 -12.92 -17.51 30.27
C VAL B 219 -14.34 -17.29 29.72
N ASP B 220 -15.32 -18.05 30.22
CA ASP B 220 -16.74 -17.80 29.90
C ASP B 220 -17.41 -17.26 31.16
N LYS B 221 -17.49 -15.93 31.28
CA LYS B 221 -17.95 -15.24 32.48
C LYS B 221 -19.46 -14.99 32.42
N ARG B 222 -20.23 -15.61 33.31
CA ARG B 222 -21.65 -15.32 33.35
C ARG B 222 -21.89 -14.02 34.10
N VAL B 223 -22.70 -13.14 33.52
CA VAL B 223 -22.94 -11.82 34.06
C VAL B 223 -24.40 -11.76 34.47
N GLU B 224 -24.64 -11.62 35.77
CA GLU B 224 -25.95 -11.71 36.36
C GLU B 224 -26.28 -10.47 37.16
N PRO B 225 -27.57 -10.16 37.35
CA PRO B 225 -27.93 -9.03 38.22
C PRO B 225 -27.43 -9.30 39.62
N LYS B 226 -26.92 -8.26 40.28
CA LYS B 226 -26.40 -8.44 41.64
C LYS B 226 -27.56 -8.68 42.59
N SER B 227 -27.32 -9.44 43.65
CA SER B 227 -28.33 -9.62 44.72
C SER B 227 -28.39 -8.44 45.69
N ILE C 2 10.67 21.20 6.15
CA ILE C 2 9.38 21.37 5.49
C ILE C 2 8.27 20.79 6.35
N VAL C 3 7.56 21.67 7.05
CA VAL C 3 6.42 21.28 7.86
C VAL C 3 5.18 21.27 6.98
N LEU C 4 4.38 20.21 7.10
CA LEU C 4 3.10 20.11 6.41
C LEU C 4 1.97 20.27 7.42
N THR C 5 1.13 21.27 7.19
CA THR C 5 0.03 21.60 8.09
C THR C 5 -1.28 21.31 7.37
N GLN C 6 -2.03 20.34 7.86
CA GLN C 6 -3.33 20.02 7.28
C GLN C 6 -4.45 20.72 8.02
N SER C 7 -5.54 20.97 7.28
CA SER C 7 -6.72 21.65 7.74
C SER C 7 -7.93 21.10 6.99
N PRO C 8 -9.07 20.98 7.66
CA PRO C 8 -9.25 21.15 9.11
C PRO C 8 -8.81 19.85 9.80
N GLY C 9 -8.82 19.80 11.13
CA GLY C 9 -8.51 18.56 11.82
C GLY C 9 -9.59 17.51 11.67
N THR C 10 -10.85 17.95 11.62
CA THR C 10 -11.99 17.05 11.52
C THR C 10 -13.00 17.65 10.54
N LEU C 11 -13.47 16.84 9.60
CA LEU C 11 -14.49 17.23 8.65
C LEU C 11 -15.72 16.35 8.88
N SER C 12 -16.84 16.97 9.17
CA SER C 12 -18.05 16.25 9.51
C SER C 12 -18.98 16.40 8.33
N LEU C 13 -19.13 15.35 7.55
CA LEU C 13 -19.88 15.40 6.31
C LEU C 13 -20.84 14.22 6.26
N SER C 14 -21.75 14.29 5.32
CA SER C 14 -22.71 13.23 5.07
C SER C 14 -22.28 12.48 3.81
N PRO C 15 -22.69 11.22 3.64
CA PRO C 15 -22.41 10.52 2.38
C PRO C 15 -23.06 11.24 1.20
N GLY C 16 -22.31 11.35 0.10
CA GLY C 16 -22.74 12.08 -1.08
C GLY C 16 -22.25 13.51 -1.14
N GLU C 17 -21.89 14.08 -0.01
CA GLU C 17 -21.33 15.42 0.04
C GLU C 17 -19.89 15.42 -0.46
N ARG C 18 -19.43 16.59 -0.89
CA ARG C 18 -18.07 16.77 -1.35
C ARG C 18 -17.17 17.15 -0.18
N ALA C 19 -16.00 16.53 -0.12
CA ALA C 19 -14.99 16.81 0.90
C ALA C 19 -13.82 17.53 0.26
N THR C 20 -13.28 18.53 0.95
CA THR C 20 -12.07 19.22 0.50
C THR C 20 -11.09 19.35 1.66
N LEU C 21 -9.91 18.76 1.47
CA LEU C 21 -8.86 18.69 2.48
C LEU C 21 -7.64 19.49 2.01
N SER C 22 -7.08 20.32 2.90
CA SER C 22 -5.96 21.17 2.53
C SER C 22 -4.67 20.70 3.19
N CYS C 23 -3.56 21.03 2.54
CA CYS C 23 -2.22 20.77 3.02
C CYS C 23 -1.41 22.01 2.69
N ARG C 24 -0.78 22.60 3.70
CA ARG C 24 0.03 23.80 3.48
C ARG C 24 1.44 23.52 4.01
N ALA C 25 2.43 23.77 3.17
CA ALA C 25 3.82 23.52 3.50
C ALA C 25 4.50 24.82 3.93
N SER C 26 5.52 24.68 4.79
CA SER C 26 6.22 25.87 5.27
C SER C 26 7.07 26.50 4.18
N GLN C 27 7.79 25.69 3.42
CA GLN C 27 8.48 26.07 2.20
C GLN C 27 7.82 25.40 1.01
N SER C 28 8.38 25.62 -0.18
CA SER C 28 7.78 25.16 -1.42
C SER C 28 8.27 23.76 -1.75
N VAL C 29 7.36 22.95 -2.27
CA VAL C 29 7.68 21.61 -2.76
C VAL C 29 7.17 21.52 -4.18
N SER C 30 7.96 20.88 -5.06
CA SER C 30 7.46 20.68 -6.41
C SER C 30 6.24 19.78 -6.35
N SER C 31 5.23 20.08 -7.18
CA SER C 31 4.07 19.23 -7.37
C SER C 31 4.54 17.79 -7.43
N SER C 32 5.64 17.56 -8.17
CA SER C 32 6.26 16.26 -8.35
C SER C 32 6.26 15.33 -7.13
N TYR C 33 6.21 15.84 -5.89
CA TYR C 33 6.52 14.98 -4.76
C TYR C 33 5.59 15.25 -3.58
N LEU C 34 4.29 15.25 -3.85
CA LEU C 34 3.27 15.42 -2.84
C LEU C 34 2.31 14.25 -3.00
N ALA C 35 2.15 13.47 -1.94
CA ALA C 35 1.30 12.29 -1.96
C ALA C 35 0.22 12.41 -0.88
N TRP C 36 -0.94 11.82 -1.15
CA TRP C 36 -2.03 11.73 -0.18
C TRP C 36 -2.34 10.27 0.07
N TYR C 37 -2.65 9.95 1.35
CA TYR C 37 -3.00 8.62 1.83
C TYR C 37 -4.32 8.62 2.57
N GLN C 38 -4.99 7.47 2.53
CA GLN C 38 -6.13 7.17 3.37
C GLN C 38 -5.70 6.16 4.44
N GLN C 39 -6.15 6.34 5.67
CA GLN C 39 -5.84 5.32 6.67
C GLN C 39 -7.04 5.03 7.53
N LYS C 40 -7.36 3.79 7.65
CA LYS C 40 -8.46 3.33 8.46
C LYS C 40 -7.91 2.70 9.74
N PRO C 41 -8.70 2.71 10.82
CA PRO C 41 -8.19 2.24 12.12
C PRO C 41 -7.57 0.86 12.02
N GLY C 42 -6.31 0.76 12.45
CA GLY C 42 -5.67 -0.53 12.55
C GLY C 42 -5.12 -1.10 11.26
N GLN C 43 -5.14 -0.32 10.16
CA GLN C 43 -4.65 -0.75 8.87
C GLN C 43 -3.51 0.15 8.39
N ALA C 44 -2.87 -0.26 7.31
CA ALA C 44 -1.73 0.53 6.87
C ALA C 44 -2.20 1.67 5.97
N PRO C 45 -1.41 2.74 5.84
CA PRO C 45 -1.80 3.84 4.94
C PRO C 45 -1.90 3.35 3.50
N ARG C 46 -2.95 3.79 2.83
CA ARG C 46 -3.23 3.43 1.45
C ARG C 46 -3.00 4.66 0.57
N LEU C 47 -2.12 4.53 -0.42
CA LEU C 47 -1.78 5.67 -1.26
C LEU C 47 -2.92 5.96 -2.22
N LEU C 48 -3.35 7.23 -2.25
CA LEU C 48 -4.42 7.69 -3.13
C LEU C 48 -3.92 8.46 -4.34
N VAL C 49 -3.06 9.45 -4.13
CA VAL C 49 -2.56 10.28 -5.22
C VAL C 49 -1.07 10.51 -4.96
N TYR C 50 -0.29 10.51 -6.03
CA TYR C 50 1.12 10.88 -5.99
C TYR C 50 1.39 11.97 -7.02
N GLY C 51 2.58 12.54 -6.96
CA GLY C 51 2.87 13.69 -7.83
C GLY C 51 1.79 14.74 -7.77
N ALA C 52 1.20 14.96 -6.59
CA ALA C 52 0.19 15.99 -6.32
C ALA C 52 -1.15 15.74 -7.00
N SER C 53 -1.16 15.31 -8.26
CA SER C 53 -2.42 15.25 -9.00
C SER C 53 -2.63 13.95 -9.75
N THR C 54 -1.88 12.90 -9.46
CA THR C 54 -1.96 11.66 -10.23
C THR C 54 -2.56 10.59 -9.33
N ARG C 55 -3.76 10.16 -9.66
CA ARG C 55 -4.43 9.11 -8.90
C ARG C 55 -3.66 7.80 -9.02
N ALA C 56 -3.43 7.12 -7.90
CA ALA C 56 -2.80 5.81 -7.97
C ALA C 56 -3.73 4.79 -8.60
N THR C 57 -3.13 3.80 -9.25
CA THR C 57 -3.92 2.80 -9.97
C THR C 57 -4.72 1.97 -8.96
N GLY C 58 -6.00 1.72 -9.27
CA GLY C 58 -6.94 1.13 -8.35
C GLY C 58 -7.74 2.11 -7.49
N ILE C 59 -7.39 3.39 -7.50
CA ILE C 59 -8.08 4.37 -6.65
C ILE C 59 -9.30 4.91 -7.40
N PRO C 60 -10.48 4.94 -6.78
CA PRO C 60 -11.69 5.38 -7.50
C PRO C 60 -11.61 6.81 -7.97
N ASP C 61 -12.36 7.13 -9.04
CA ASP C 61 -12.29 8.43 -9.72
C ASP C 61 -12.68 9.59 -8.82
N ARG C 62 -13.47 9.34 -7.78
CA ARG C 62 -13.95 10.46 -6.97
C ARG C 62 -12.85 11.14 -6.17
N PHE C 63 -11.64 10.58 -6.14
CA PHE C 63 -10.49 11.17 -5.47
C PHE C 63 -9.64 11.94 -6.46
N SER C 64 -9.32 13.20 -6.16
CA SER C 64 -8.39 13.92 -7.03
C SER C 64 -7.58 14.92 -6.22
N GLY C 65 -6.33 15.13 -6.64
CA GLY C 65 -5.41 16.03 -5.97
C GLY C 65 -5.08 17.19 -6.88
N SER C 66 -4.75 18.33 -6.29
CA SER C 66 -4.33 19.51 -7.05
C SER C 66 -3.47 20.39 -6.16
N GLY C 67 -2.92 21.44 -6.77
CA GLY C 67 -2.13 22.43 -6.07
C GLY C 67 -0.68 22.41 -6.51
N SER C 68 0.05 23.43 -6.05
CA SER C 68 1.50 23.49 -6.23
C SER C 68 2.08 24.39 -5.16
N GLY C 69 3.41 24.47 -5.14
CA GLY C 69 4.11 25.40 -4.27
C GLY C 69 4.02 25.05 -2.80
N THR C 70 3.27 25.85 -2.04
CA THR C 70 3.10 25.61 -0.61
C THR C 70 1.69 25.17 -0.24
N ASP C 71 0.78 25.07 -1.20
CA ASP C 71 -0.63 24.82 -0.93
C ASP C 71 -1.16 23.72 -1.84
N PHE C 72 -1.71 22.67 -1.24
CA PHE C 72 -2.18 21.49 -1.96
C PHE C 72 -3.54 21.06 -1.40
N THR C 73 -4.34 20.45 -2.27
CA THR C 73 -5.73 20.13 -1.99
C THR C 73 -6.06 18.71 -2.42
N LEU C 74 -6.82 17.99 -1.60
CA LEU C 74 -7.37 16.70 -1.95
C LEU C 74 -8.89 16.79 -1.91
N THR C 75 -9.53 16.40 -3.00
CA THR C 75 -10.98 16.49 -3.14
C THR C 75 -11.57 15.10 -3.32
N ILE C 76 -12.63 14.83 -2.56
CA ILE C 76 -13.51 13.69 -2.80
C ILE C 76 -14.83 14.26 -3.28
N SER C 77 -15.17 13.98 -4.54
CA SER C 77 -16.32 14.65 -5.15
C SER C 77 -17.64 14.24 -4.51
N ARG C 78 -17.82 12.93 -4.25
CA ARG C 78 -19.06 12.40 -3.67
C ARG C 78 -18.66 11.36 -2.64
N LEU C 79 -18.71 11.71 -1.36
CA LEU C 79 -18.30 10.78 -0.32
C LEU C 79 -19.16 9.52 -0.35
N GLU C 80 -18.49 8.38 -0.22
CA GLU C 80 -19.09 7.07 -0.04
C GLU C 80 -18.85 6.60 1.39
N PRO C 81 -19.68 5.69 1.90
CA PRO C 81 -19.47 5.18 3.27
C PRO C 81 -18.05 4.73 3.56
N GLU C 82 -17.35 4.13 2.60
CA GLU C 82 -16.01 3.62 2.84
C GLU C 82 -14.96 4.72 2.90
N ASP C 83 -15.33 5.98 2.68
CA ASP C 83 -14.37 7.08 2.57
C ASP C 83 -14.13 7.81 3.90
N PHE C 84 -14.89 7.50 4.93
CA PHE C 84 -14.73 8.17 6.21
C PHE C 84 -13.56 7.52 6.94
N ALA C 85 -12.47 8.26 7.10
CA ALA C 85 -11.19 7.73 7.56
C ALA C 85 -10.31 8.93 7.88
N VAL C 86 -9.03 8.67 8.20
CA VAL C 86 -8.03 9.73 8.35
C VAL C 86 -7.28 9.89 7.03
N TYR C 87 -6.93 11.13 6.66
CA TYR C 87 -6.17 11.39 5.45
C TYR C 87 -4.90 12.17 5.77
N TYR C 88 -3.80 11.78 5.14
CA TYR C 88 -2.48 12.35 5.38
C TYR C 88 -1.91 12.86 4.06
N CYS C 89 -1.27 14.03 4.10
CA CYS C 89 -0.39 14.41 3.01
C CYS C 89 1.04 14.06 3.37
N HIS C 90 1.91 14.15 2.37
CA HIS C 90 3.26 13.58 2.47
C HIS C 90 4.11 14.20 1.37
N GLN C 91 5.19 14.89 1.74
CA GLN C 91 6.15 15.39 0.77
C GLN C 91 7.37 14.49 0.77
N TYR C 92 7.81 14.10 -0.42
CA TYR C 92 8.96 13.21 -0.58
C TYR C 92 9.96 13.77 -1.58
N SER C 93 10.04 15.10 -1.68
CA SER C 93 10.92 15.77 -2.63
C SER C 93 12.35 15.91 -2.15
N SER C 94 12.65 15.64 -0.87
CA SER C 94 13.92 16.05 -0.29
C SER C 94 14.61 14.95 0.52
N SER C 95 14.28 13.68 0.24
CA SER C 95 14.81 12.52 0.96
C SER C 95 14.51 12.53 2.46
N PHE C 96 14.55 13.67 3.14
CA PHE C 96 14.02 13.72 4.51
C PHE C 96 12.52 13.96 4.41
N TRP C 97 11.76 12.87 4.38
CA TRP C 97 10.32 12.95 4.21
C TRP C 97 9.64 13.55 5.45
N THR C 98 8.55 14.28 5.20
CA THR C 98 7.69 14.76 6.26
C THR C 98 6.23 14.55 5.86
N PHE C 99 5.36 14.50 6.87
CA PHE C 99 3.95 14.18 6.71
C PHE C 99 3.10 15.19 7.45
N GLY C 100 1.89 15.41 6.94
CA GLY C 100 0.91 16.15 7.69
C GLY C 100 0.45 15.36 8.91
N GLN C 101 -0.30 16.02 9.78
CA GLN C 101 -0.73 15.39 11.03
C GLN C 101 -2.09 14.69 10.92
N GLY C 102 -2.74 14.75 9.77
CA GLY C 102 -3.96 13.99 9.50
C GLY C 102 -5.21 14.85 9.56
N THR C 103 -6.16 14.55 8.68
CA THR C 103 -7.52 15.11 8.74
C THR C 103 -8.47 13.93 8.84
N LYS C 104 -9.27 13.92 9.89
CA LYS C 104 -10.25 12.86 10.05
C LYS C 104 -11.54 13.29 9.38
N VAL C 105 -12.05 12.46 8.49
CA VAL C 105 -13.34 12.69 7.84
C VAL C 105 -14.35 11.80 8.52
N GLU C 106 -15.23 12.36 9.35
CA GLU C 106 -16.25 11.59 10.04
C GLU C 106 -17.64 11.89 9.48
N ILE C 107 -18.59 11.05 9.88
CA ILE C 107 -19.99 11.17 9.45
C ILE C 107 -20.70 12.20 10.32
N LYS C 108 -21.45 13.08 9.64
CA LYS C 108 -22.30 14.08 10.28
C LYS C 108 -23.68 13.50 10.51
N ARG C 109 -24.21 13.74 11.70
CA ARG C 109 -25.56 13.30 12.05
C ARG C 109 -26.09 14.24 13.13
N THR C 110 -27.35 14.06 13.51
CA THR C 110 -27.93 14.91 14.53
C THR C 110 -27.29 14.66 15.90
N VAL C 111 -27.26 15.71 16.73
CA VAL C 111 -26.82 15.58 18.12
C VAL C 111 -27.56 14.44 18.81
N ALA C 112 -26.83 13.63 19.58
CA ALA C 112 -27.40 12.54 20.36
C ALA C 112 -26.71 12.48 21.71
N ALA C 113 -27.49 12.58 22.77
CA ALA C 113 -27.03 12.59 24.14
C ALA C 113 -26.65 11.18 24.57
N PRO C 114 -25.61 11.03 25.40
CA PRO C 114 -25.27 9.68 25.89
C PRO C 114 -26.32 9.18 26.87
N SER C 115 -26.56 7.87 26.84
CA SER C 115 -27.10 7.16 27.99
C SER C 115 -25.94 6.82 28.92
N VAL C 116 -26.08 7.09 30.21
CA VAL C 116 -25.00 6.96 31.19
C VAL C 116 -25.32 5.84 32.16
N PHE C 117 -24.31 5.02 32.47
CA PHE C 117 -24.44 3.89 33.37
C PHE C 117 -23.20 3.87 34.24
N ILE C 118 -23.36 3.55 35.54
CA ILE C 118 -22.22 3.40 36.42
C ILE C 118 -22.23 1.97 36.96
N PHE C 119 -21.04 1.38 37.14
CA PHE C 119 -20.90 0.01 37.62
C PHE C 119 -19.96 0.01 38.82
N PRO C 120 -20.41 -0.44 39.99
CA PRO C 120 -19.51 -0.61 41.14
C PRO C 120 -18.51 -1.72 40.88
N PRO C 121 -17.40 -1.76 41.61
CA PRO C 121 -16.52 -2.93 41.53
C PRO C 121 -17.28 -4.19 41.93
N SER C 122 -16.88 -5.31 41.34
CA SER C 122 -17.43 -6.59 41.72
C SER C 122 -16.87 -7.04 43.07
N ASP C 123 -17.65 -7.85 43.78
CA ASP C 123 -17.12 -8.45 44.99
C ASP C 123 -15.95 -9.38 44.66
N GLU C 124 -15.97 -10.01 43.48
CA GLU C 124 -14.85 -10.84 43.07
C GLU C 124 -13.57 -10.01 43.01
N GLN C 125 -13.63 -8.83 42.39
CA GLN C 125 -12.44 -7.98 42.29
C GLN C 125 -12.01 -7.43 43.66
N LEU C 126 -12.98 -7.06 44.51
CA LEU C 126 -12.65 -6.54 45.83
C LEU C 126 -11.77 -7.49 46.63
N LYS C 127 -12.04 -8.80 46.55
CA LYS C 127 -11.19 -9.78 47.22
C LYS C 127 -9.73 -9.63 46.82
N SER C 128 -9.47 -9.31 45.55
CA SER C 128 -8.10 -9.20 45.09
C SER C 128 -7.39 -7.96 45.63
N GLY C 129 -8.10 -7.05 46.28
CA GLY C 129 -7.50 -5.85 46.83
C GLY C 129 -7.52 -4.63 45.94
N THR C 130 -8.36 -4.62 44.90
CA THR C 130 -8.44 -3.51 43.96
C THR C 130 -9.91 -3.27 43.64
N ALA C 131 -10.26 -2.01 43.41
CA ALA C 131 -11.61 -1.66 43.03
C ALA C 131 -11.54 -0.84 41.76
N SER C 132 -12.25 -1.27 40.72
CA SER C 132 -12.40 -0.51 39.48
C SER C 132 -13.85 -0.06 39.37
N VAL C 133 -14.07 1.22 39.23
CA VAL C 133 -15.42 1.75 39.02
C VAL C 133 -15.49 2.20 37.57
N VAL C 134 -16.53 1.78 36.86
CA VAL C 134 -16.64 1.96 35.42
C VAL C 134 -17.85 2.82 35.11
N CYS C 135 -17.64 3.85 34.30
CA CYS C 135 -18.71 4.71 33.83
C CYS C 135 -18.81 4.56 32.31
N LEU C 136 -20.01 4.27 31.81
CA LEU C 136 -20.25 4.07 30.39
C LEU C 136 -21.13 5.16 29.83
N LEU C 137 -20.68 5.80 28.74
CA LEU C 137 -21.46 6.74 27.95
C LEU C 137 -21.80 6.05 26.62
N ASN C 138 -23.08 5.76 26.38
CA ASN C 138 -23.48 4.92 25.27
C ASN C 138 -24.13 5.75 24.16
N ASN C 139 -23.56 5.62 22.95
CA ASN C 139 -24.15 6.05 21.68
C ASN C 139 -24.44 7.55 21.67
N PHE C 140 -23.38 8.34 21.61
CA PHE C 140 -23.57 9.78 21.57
C PHE C 140 -22.92 10.38 20.32
N TYR C 141 -23.34 11.60 20.02
CA TYR C 141 -22.75 12.38 18.93
C TYR C 141 -23.02 13.84 19.25
N PRO C 142 -22.05 14.75 19.05
CA PRO C 142 -20.68 14.54 18.54
C PRO C 142 -19.74 13.95 19.56
N ARG C 143 -18.51 13.74 19.13
CA ARG C 143 -17.58 12.93 19.91
C ARG C 143 -17.15 13.61 21.20
N GLU C 144 -17.18 14.93 21.24
CA GLU C 144 -16.68 15.63 22.43
C GLU C 144 -17.61 15.40 23.63
N ALA C 145 -17.03 14.88 24.71
CA ALA C 145 -17.75 14.59 25.95
C ALA C 145 -16.76 14.75 27.08
N LYS C 146 -17.26 15.13 28.24
CA LYS C 146 -16.42 15.31 29.41
C LYS C 146 -16.99 14.43 30.53
N VAL C 147 -16.15 13.54 31.05
CA VAL C 147 -16.51 12.65 32.15
C VAL C 147 -15.67 13.03 33.36
N GLN C 148 -16.34 13.35 34.47
CA GLN C 148 -15.67 13.71 35.71
C GLN C 148 -16.12 12.79 36.84
N TRP C 149 -15.15 12.22 37.55
CA TRP C 149 -15.47 11.41 38.72
C TRP C 149 -15.51 12.24 40.00
N LYS C 150 -16.47 11.92 40.86
CA LYS C 150 -16.57 12.50 42.19
C LYS C 150 -16.69 11.40 43.23
N VAL C 151 -15.91 11.50 44.29
CA VAL C 151 -15.93 10.56 45.39
C VAL C 151 -16.23 11.36 46.67
N ASP C 152 -17.40 11.11 47.26
CA ASP C 152 -17.93 11.97 48.33
C ASP C 152 -17.87 13.44 47.94
N ASN C 153 -18.26 13.72 46.70
CA ASN C 153 -18.31 15.06 46.11
C ASN C 153 -16.96 15.71 45.86
N ALA C 154 -15.87 14.98 45.95
CA ALA C 154 -14.54 15.52 45.65
C ALA C 154 -14.14 15.09 44.24
N LEU C 155 -13.90 16.09 43.38
CA LEU C 155 -13.60 15.81 41.99
C LEU C 155 -12.23 15.13 41.88
N GLN C 156 -12.21 13.97 41.25
CA GLN C 156 -11.01 13.14 41.14
C GLN C 156 -10.17 13.52 39.93
N SER C 157 -8.85 13.31 40.04
CA SER C 157 -7.97 13.42 38.88
C SER C 157 -6.74 12.54 39.04
N GLY C 158 -6.20 12.10 37.89
CA GLY C 158 -5.02 11.25 37.83
C GLY C 158 -5.27 9.78 38.14
N ASN C 159 -6.52 9.38 38.42
CA ASN C 159 -6.79 8.01 38.83
C ASN C 159 -7.85 7.35 37.95
N SER C 160 -8.10 7.91 36.76
CA SER C 160 -9.01 7.33 35.79
C SER C 160 -8.33 7.26 34.41
N GLN C 161 -8.87 6.38 33.59
CA GLN C 161 -8.44 6.17 32.22
C GLN C 161 -9.71 5.94 31.40
N GLU C 162 -9.65 6.31 30.12
CA GLU C 162 -10.83 6.20 29.31
C GLU C 162 -10.44 5.83 27.89
N SER C 163 -11.37 5.18 27.20
CA SER C 163 -11.24 4.90 25.79
C SER C 163 -12.60 5.03 25.12
N VAL C 164 -12.55 5.29 23.80
CA VAL C 164 -13.68 5.66 22.97
C VAL C 164 -13.72 4.75 21.77
N THR C 165 -14.91 4.30 21.38
CA THR C 165 -14.97 3.46 20.20
C THR C 165 -14.82 4.32 18.93
N GLU C 166 -14.57 3.65 17.81
CA GLU C 166 -14.66 4.31 16.51
C GLU C 166 -16.12 4.59 16.18
N GLN C 167 -16.34 5.54 15.27
CA GLN C 167 -17.71 5.88 14.92
C GLN C 167 -18.49 4.65 14.46
N ASP C 168 -19.67 4.43 15.03
CA ASP C 168 -20.44 3.22 14.74
C ASP C 168 -20.91 3.20 13.28
N SER C 169 -20.80 2.06 12.62
CA SER C 169 -21.11 2.02 11.19
C SER C 169 -22.61 2.02 10.91
N LYS C 170 -23.46 1.79 11.90
CA LYS C 170 -24.90 1.79 11.66
C LYS C 170 -25.56 3.10 12.05
N ASP C 171 -25.24 3.66 13.22
CA ASP C 171 -25.87 4.91 13.65
C ASP C 171 -24.92 6.09 13.74
N SER C 172 -23.65 5.92 13.37
CA SER C 172 -22.67 7.02 13.38
C SER C 172 -22.48 7.65 14.76
N THR C 173 -22.73 6.92 15.84
CA THR C 173 -22.49 7.46 17.18
C THR C 173 -21.15 6.97 17.72
N TYR C 174 -20.77 7.53 18.85
CA TYR C 174 -19.60 7.12 19.60
C TYR C 174 -20.01 6.56 20.96
N SER C 175 -19.15 5.74 21.56
CA SER C 175 -19.37 5.34 22.94
C SER C 175 -18.06 5.47 23.72
N LEU C 176 -18.18 5.71 25.00
CA LEU C 176 -16.98 5.96 25.80
C LEU C 176 -17.05 5.21 27.11
N SER C 177 -15.91 4.67 27.52
CA SER C 177 -15.78 3.93 28.77
C SER C 177 -14.71 4.61 29.61
N SER C 178 -15.01 4.82 30.90
CA SER C 178 -14.10 5.44 31.87
C SER C 178 -14.01 4.56 33.12
N THR C 179 -12.78 4.22 33.52
CA THR C 179 -12.51 3.41 34.69
C THR C 179 -11.78 4.25 35.72
N LEU C 180 -12.34 4.32 36.93
CA LEU C 180 -11.68 4.90 38.09
C LEU C 180 -11.10 3.74 38.90
N THR C 181 -9.80 3.76 39.17
CA THR C 181 -9.15 2.63 39.82
C THR C 181 -8.62 3.03 41.20
N LEU C 182 -9.03 2.29 42.23
CA LEU C 182 -8.64 2.57 43.61
C LEU C 182 -8.15 1.29 44.28
N SER C 183 -7.25 1.44 45.23
CA SER C 183 -7.00 0.30 46.12
C SER C 183 -8.29 -0.01 46.90
N LYS C 184 -8.37 -1.23 47.41
CA LYS C 184 -9.53 -1.60 48.20
C LYS C 184 -9.62 -0.73 49.45
N ALA C 185 -8.49 -0.46 50.10
CA ALA C 185 -8.49 0.37 51.31
C ALA C 185 -9.05 1.76 51.02
N ASP C 186 -8.65 2.38 49.89
CA ASP C 186 -9.15 3.71 49.61
C ASP C 186 -10.62 3.67 49.26
N TYR C 187 -11.04 2.64 48.51
CA TYR C 187 -12.43 2.51 48.12
C TYR C 187 -13.33 2.41 49.34
N GLU C 188 -12.87 1.77 50.41
CA GLU C 188 -13.73 1.65 51.59
C GLU C 188 -13.66 2.86 52.50
N LYS C 189 -12.81 3.84 52.21
CA LYS C 189 -12.80 5.06 53.00
C LYS C 189 -13.91 6.03 52.61
N HIS C 190 -14.70 5.74 51.56
CA HIS C 190 -15.65 6.68 51.02
C HIS C 190 -16.98 6.01 50.75
N LYS C 191 -18.04 6.81 50.64
CA LYS C 191 -19.39 6.29 50.43
C LYS C 191 -19.96 6.53 49.04
N VAL C 192 -19.99 7.77 48.55
CA VAL C 192 -20.72 8.12 47.33
C VAL C 192 -19.76 8.16 46.14
N TYR C 193 -20.01 7.33 45.14
CA TYR C 193 -19.20 7.32 43.91
C TYR C 193 -20.06 7.79 42.76
N ALA C 194 -19.61 8.84 42.07
CA ALA C 194 -20.42 9.49 41.06
C ALA C 194 -19.60 9.80 39.82
N CYS C 195 -20.24 9.59 38.68
CA CYS C 195 -19.72 9.89 37.35
C CYS C 195 -20.56 11.06 36.85
N GLU C 196 -19.93 12.19 36.54
CA GLU C 196 -20.66 13.34 36.02
C GLU C 196 -20.32 13.62 34.56
N VAL C 197 -21.34 13.68 33.70
CA VAL C 197 -21.16 13.67 32.25
C VAL C 197 -21.66 14.98 31.64
N THR C 198 -20.80 15.62 30.86
CA THR C 198 -21.12 16.84 30.14
C THR C 198 -21.07 16.55 28.64
N HIS C 199 -22.11 16.94 27.91
CA HIS C 199 -22.22 16.68 26.48
C HIS C 199 -23.22 17.64 25.86
N GLN C 200 -22.96 17.99 24.60
CA GLN C 200 -23.77 19.00 23.91
C GLN C 200 -25.25 18.62 23.83
N GLY C 201 -25.57 17.34 23.78
CA GLY C 201 -26.97 17.00 23.78
C GLY C 201 -27.68 17.04 25.12
N LEU C 202 -26.99 17.33 26.23
CA LEU C 202 -27.59 17.41 27.56
C LEU C 202 -27.69 18.87 27.96
N SER C 203 -28.91 19.33 28.27
CA SER C 203 -29.11 20.72 28.69
C SER C 203 -28.32 21.06 29.97
N SER C 204 -28.00 20.07 30.80
CA SER C 204 -27.17 20.27 31.98
C SER C 204 -26.50 18.95 32.31
N PRO C 205 -25.36 18.96 33.01
CA PRO C 205 -24.63 17.72 33.22
C PRO C 205 -25.48 16.66 33.91
N VAL C 206 -25.26 15.40 33.54
CA VAL C 206 -25.99 14.26 34.06
C VAL C 206 -25.07 13.51 35.02
N THR C 207 -25.59 13.13 36.20
CA THR C 207 -24.81 12.41 37.20
C THR C 207 -25.43 11.03 37.45
N LYS C 208 -24.60 10.00 37.43
CA LYS C 208 -24.97 8.68 37.91
C LYS C 208 -24.12 8.37 39.13
N SER C 209 -24.75 7.86 40.20
CA SER C 209 -23.99 7.56 41.39
C SER C 209 -24.50 6.28 42.06
N PHE C 210 -23.70 5.77 42.99
CA PHE C 210 -24.13 4.73 43.90
C PHE C 210 -23.45 4.96 45.23
N ASN C 211 -24.03 4.39 46.28
CA ASN C 211 -23.44 4.42 47.61
C ASN C 211 -22.79 3.05 47.90
N ARG C 212 -21.50 3.05 48.23
CA ARG C 212 -20.81 1.78 48.45
C ARG C 212 -21.51 0.95 49.53
N GLY C 213 -21.78 -0.33 49.20
CA GLY C 213 -22.42 -1.25 50.12
C GLY C 213 -23.94 -1.31 50.11
N GLU C 214 -24.58 -0.54 49.23
CA GLU C 214 -26.04 -0.61 49.11
C GLU C 214 -26.42 -1.06 47.72
C1 NAG D . -2.63 4.40 -15.69
C2 NAG D . -3.43 5.67 -15.53
C3 NAG D . -4.66 5.40 -14.66
C4 NAG D . -5.44 4.21 -15.18
C5 NAG D . -4.52 3.00 -15.28
C6 NAG D . -5.15 1.71 -15.77
C7 NAG D . -1.87 7.55 -15.56
C8 NAG D . -0.91 8.38 -14.78
N2 NAG D . -2.57 6.64 -14.88
O3 NAG D . -5.49 6.55 -14.69
O4 NAG D . -6.50 3.95 -14.24
O5 NAG D . -3.48 3.36 -16.17
O6 NAG D . -5.92 2.01 -16.93
O7 NAG D . -2.01 7.69 -16.77
C1 NAG D . -7.77 4.01 -14.91
C2 NAG D . -8.81 3.28 -14.05
C3 NAG D . -10.15 3.30 -14.76
C4 NAG D . -10.56 4.74 -15.04
C5 NAG D . -9.44 5.43 -15.82
C6 NAG D . -9.74 6.90 -16.10
C7 NAG D . -7.67 1.64 -12.62
C8 NAG D . -7.35 0.19 -12.44
N2 NAG D . -8.40 1.93 -13.70
O3 NAG D . -11.11 2.65 -13.91
O4 NAG D . -11.74 4.70 -15.86
O5 NAG D . -8.20 5.35 -15.10
O6 NAG D . -9.80 7.60 -14.86
O7 NAG D . -7.26 2.50 -11.84
C1 BMA D . -12.95 5.08 -15.15
C2 BMA D . -13.88 5.81 -16.12
C3 BMA D . -15.23 6.18 -15.44
C4 BMA D . -15.91 4.96 -14.78
C5 BMA D . -14.91 4.15 -13.97
C6 BMA D . -15.53 2.87 -13.47
O2 BMA D . -14.07 5.03 -17.27
O3 BMA D . -16.03 6.87 -16.36
O4 BMA D . -16.91 5.42 -13.92
O5 BMA D . -13.63 3.95 -14.59
O6 BMA D . -14.54 1.88 -13.60
C1 MAN D . -15.99 8.28 -15.97
C2 MAN D . -17.17 9.04 -16.60
C3 MAN D . -17.03 9.16 -18.13
C4 MAN D . -15.61 9.47 -18.62
C5 MAN D . -14.51 8.78 -17.79
C6 MAN D . -13.11 9.30 -18.07
O2 MAN D . -17.26 10.30 -15.96
O3 MAN D . -17.98 10.12 -18.57
O4 MAN D . -15.55 9.01 -19.96
O5 MAN D . -14.78 8.86 -16.39
O6 MAN D . -13.11 10.71 -17.98
C1 MAN D . -14.87 0.73 -12.80
C2 MAN D . -13.73 -0.28 -13.07
C3 MAN D . -13.92 -1.05 -14.39
C4 MAN D . -15.37 -1.49 -14.67
C5 MAN D . -16.34 -0.32 -14.40
C6 MAN D . -17.80 -0.70 -14.48
O2 MAN D . -13.67 -1.15 -11.95
O3 MAN D . -13.03 -2.14 -14.36
O4 MAN D . -15.42 -1.94 -16.02
O5 MAN D . -16.16 0.25 -13.10
O6 MAN D . -18.56 0.47 -14.32
C1 NAG E . 11.82 -11.86 -9.43
C2 NAG E . 11.08 -11.41 -8.19
C3 NAG E . 10.28 -12.57 -7.59
C4 NAG E . 9.38 -13.23 -8.63
C5 NAG E . 10.26 -13.64 -9.80
C6 NAG E . 9.49 -14.29 -10.94
C7 NAG E . 12.05 -9.69 -6.76
C8 NAG E . 13.22 -9.27 -5.91
N2 NAG E . 12.06 -10.93 -7.23
O3 NAG E . 9.45 -12.05 -6.54
O4 NAG E . 8.76 -14.40 -8.07
O5 NAG E . 10.90 -12.48 -10.32
O6 NAG E . 8.68 -13.26 -11.55
O7 NAG E . 11.15 -8.92 -6.98
C1 NAG E . 7.31 -14.33 -8.01
C2 NAG E . 6.77 -15.71 -7.64
C3 NAG E . 5.25 -15.70 -7.55
C4 NAG E . 4.83 -14.64 -6.53
C5 NAG E . 5.43 -13.28 -6.93
C6 NAG E . 5.03 -12.18 -5.93
C7 NAG E . 8.42 -17.30 -8.34
C8 NAG E . 9.10 -17.86 -9.54
N2 NAG E . 7.24 -16.72 -8.56
O3 NAG E . 4.76 -16.97 -7.10
O4 NAG E . 3.40 -14.57 -6.45
O5 NAG E . 6.86 -13.40 -7.04
O6 NAG E . 5.73 -12.30 -4.67
O7 NAG E . 8.91 -17.36 -7.22
C1 NAG F . 0.46 2.85 -43.57
C2 NAG F . -0.22 3.44 -44.80
C3 NAG F . -1.67 3.78 -44.50
C4 NAG F . -2.42 2.64 -43.80
C5 NAG F . -1.59 2.11 -42.60
C6 NAG F . -2.22 0.91 -41.88
C7 NAG F . 0.76 5.73 -44.50
C8 NAG F . 1.63 6.79 -45.14
N2 NAG F . 0.56 4.60 -45.23
O3 NAG F . -2.29 4.06 -45.75
O4 NAG F . -3.65 3.21 -43.30
O5 NAG F . -0.29 1.75 -43.06
O6 NAG F . -1.83 0.91 -40.49
O7 NAG F . 0.27 5.91 -43.38
C1 NAG F . -4.83 2.43 -43.61
C2 NAG F . -6.03 3.02 -42.85
C3 NAG F . -7.29 2.23 -43.19
C4 NAG F . -7.49 2.16 -44.71
C5 NAG F . -6.23 1.56 -45.35
C6 NAG F . -6.34 1.32 -46.87
C7 NAG F . -4.99 4.01 -40.84
C8 NAG F . -4.34 3.65 -39.52
N2 NAG F . -5.74 3.06 -41.42
O3 NAG F . -8.46 2.82 -42.63
O4 NAG F . -8.66 1.38 -45.03
O5 NAG F . -5.11 2.41 -45.02
O6 NAG F . -6.30 2.53 -47.64
O7 NAG F . -4.83 5.12 -41.33
C1 NAG G . 0.22 -3.44 -23.94
C2 NAG G . -1.24 -3.01 -23.94
C3 NAG G . -2.10 -4.02 -23.21
C4 NAG G . -1.88 -5.43 -23.75
C5 NAG G . -0.39 -5.74 -23.72
C6 NAG G . -0.04 -7.08 -24.33
C7 NAG G . -1.77 -0.64 -23.85
C8 NAG G . -2.14 0.48 -22.95
N2 NAG G . -1.42 -1.77 -23.22
O3 NAG G . -3.45 -3.63 -23.46
O4 NAG G . -2.57 -6.33 -22.89
O5 NAG G . 0.30 -4.76 -24.49
O6 NAG G . -0.51 -7.02 -25.67
O7 NAG G . -1.78 -0.52 -25.08
C1 NAG G . -3.58 -7.11 -23.59
C2 NAG G . -4.16 -8.17 -22.66
C3 NAG G . -5.26 -8.95 -23.38
C4 NAG G . -6.32 -8.02 -23.96
C5 NAG G . -5.61 -6.98 -24.83
C6 NAG G . -6.57 -6.02 -25.53
C7 NAG G . -2.31 -8.99 -21.21
C8 NAG G . -1.11 -9.90 -21.20
N2 NAG G . -3.10 -9.10 -22.28
O3 NAG G . -5.90 -9.85 -22.47
O4 NAG G . -7.26 -8.80 -24.74
O5 NAG G . -4.64 -6.26 -24.07
O6 NAG G . -6.25 -6.03 -26.93
O7 NAG G . -2.51 -8.20 -20.28
C1 NAG H . -2.37 18.47 -32.12
C2 NAG H . -1.90 19.92 -31.99
C3 NAG H . -2.66 20.85 -32.93
C4 NAG H . -2.53 20.32 -34.36
C5 NAG H . -3.07 18.88 -34.40
C6 NAG H . -2.94 18.30 -35.80
C7 NAG H . -1.06 20.34 -29.78
C8 NAG H . -1.39 20.72 -28.36
N2 NAG H . -2.09 20.34 -30.62
O3 NAG H . -2.06 22.15 -32.85
O4 NAG H . -3.19 21.17 -35.32
O5 NAG H . -2.30 18.09 -33.50
O6 NAG H . -1.61 18.52 -36.28
O7 NAG H . 0.07 20.04 -30.15
C1 NAG I . 23.01 -13.98 -16.55
C2 NAG I . 21.70 -14.60 -16.05
C3 NAG I . 21.49 -14.44 -14.54
C4 NAG I . 22.73 -14.96 -13.82
C5 NAG I . 23.98 -14.26 -14.37
C6 NAG I . 25.24 -14.71 -13.63
C7 NAG I . 19.90 -14.76 -17.64
C8 NAG I . 18.55 -14.24 -18.03
N2 NAG I . 20.55 -14.04 -16.72
O3 NAG I . 20.33 -15.18 -14.11
O4 NAG I . 22.58 -14.80 -12.38
O5 NAG I . 24.11 -14.50 -15.79
O6 NAG I . 24.98 -14.71 -12.21
O7 NAG I . 20.36 -15.78 -18.14
#